data_2G9X
#
_entry.id   2G9X
#
_cell.length_a   74.580
_cell.length_b   134.986
_cell.length_c   148.513
_cell.angle_alpha   90.00
_cell.angle_beta   90.00
_cell.angle_gamma   90.00
#
_symmetry.space_group_name_H-M   'P 21 21 21'
#
loop_
_entity.id
_entity.type
_entity.pdbx_description
1 polymer 'Cell division protein kinase 2'
2 polymer Cyclin-A2
3 non-polymer 3-({2-[(4-{[6-(CYCLOHEXYLMETHOXY)-9H-PURIN-2-YL]AMINO}PHENYL)SULFONYL]ETHYL}AMINO)PROPAN-1-OL
4 water water
#
loop_
_entity_poly.entity_id
_entity_poly.type
_entity_poly.pdbx_seq_one_letter_code
_entity_poly.pdbx_strand_id
1 'polypeptide(L)'
;SMENFQKVEKIGEGTYGVVYKARNKLTGEVVALKKIRLDTETEGVPSTAIREISLLKELNHPNIVKLLDVIHTENKLYLV
FEFLHQDLKKFMDASALTGIPLPLIKSYLFQLLQGLAFCHSHRVLHRDLKPQNLLINTEGAIKLADFGLARAFGVPVRTY
(TPO)HEVVTLWYRAPEILLGCKYYSTAVDIWSLGCIFAEMVTRRALFPGDSEIDQLFRIFRTLGTPDEVVWPGVTSMPD
YKPSFPKWARQDFSKVVPPLDEDGRSLLSQMLHYDPNKRISAKAALAHPFFQDVTKPVPHLRL
;
A,C
2 'polypeptide(L)'
;GVNEVPDYHEDIHTYLREMEVKCKPKVGYMKKQPDITNSMRAILVDWLVEVGEEYKLQNETLHLAVNYIDRFLSSMSVLR
GKLQLVGTAAMLLASKFEEIYPPEVAEFVYITDDTYTKKQVLRMEHLVLKVLAFDLAAPTINQFLTQYFLHQQPANCKVE
SLAMFLGELSLIDADPYLKYLPSVIAAAAFHLALYTVTGQSWPESLVQKTGYTLETLKPCLLDLHQTYLRAPQHAQQSIR
EKYKNSKYHGVSLLNPPETLNL
;
B,D
#
loop_
_chem_comp.id
_chem_comp.type
_chem_comp.name
_chem_comp.formula
NU5 non-polymer 3-({2-[(4-{[6-(CYCLOHEXYLMETHOXY)-9H-PURIN-2-YL]AMINO}PHENYL)SULFONYL]ETHYL}AMINO)PROPAN-1-OL 'C23 H32 N6 O4 S'
#
# COMPACT_ATOMS: atom_id res chain seq x y z
N SER A 1 8.48 5.86 -19.05
CA SER A 1 8.40 4.84 -17.96
C SER A 1 8.97 3.49 -18.39
N MET A 2 8.68 3.12 -19.64
CA MET A 2 9.36 2.02 -20.33
C MET A 2 10.77 2.44 -20.71
N GLU A 3 11.21 3.55 -20.10
CA GLU A 3 12.50 4.15 -20.33
C GLU A 3 13.64 3.17 -20.01
N ASN A 4 13.47 2.39 -18.94
CA ASN A 4 14.53 1.52 -18.41
C ASN A 4 14.56 0.09 -18.96
N PHE A 5 13.63 -0.24 -19.85
CA PHE A 5 13.55 -1.60 -20.36
C PHE A 5 14.04 -1.72 -21.80
N GLN A 6 14.91 -2.69 -22.03
CA GLN A 6 15.40 -2.99 -23.37
C GLN A 6 14.88 -4.34 -23.84
N LYS A 7 14.21 -4.35 -24.98
CA LYS A 7 13.63 -5.57 -25.54
C LYS A 7 14.68 -6.52 -26.09
N VAL A 8 14.38 -7.82 -25.99
CA VAL A 8 15.27 -8.86 -26.48
C VAL A 8 14.61 -9.64 -27.63
N GLU A 9 13.41 -10.15 -27.40
CA GLU A 9 12.68 -10.91 -28.42
C GLU A 9 11.22 -11.07 -28.01
N LYS A 10 10.36 -11.40 -28.98
CA LYS A 10 8.98 -11.73 -28.68
C LYS A 10 8.96 -13.17 -28.20
N ILE A 11 8.24 -13.41 -27.11
CA ILE A 11 8.12 -14.75 -26.56
C ILE A 11 6.92 -15.50 -27.18
N GLY A 12 5.76 -14.87 -27.16
CA GLY A 12 4.52 -15.47 -27.68
C GLY A 12 3.29 -14.61 -27.45
N GLU A 13 2.12 -15.19 -27.68
CA GLU A 13 0.86 -14.50 -27.42
C GLU A 13 -0.07 -15.42 -26.64
N GLY A 14 -0.57 -14.93 -25.51
CA GLY A 14 -1.45 -15.73 -24.66
C GLY A 14 -2.91 -15.43 -24.88
N THR A 15 -3.63 -15.29 -23.77
CA THR A 15 -5.06 -14.97 -23.80
C THR A 15 -5.30 -13.58 -24.39
N TYR A 16 -4.50 -12.60 -23.95
CA TYR A 16 -4.58 -11.25 -24.52
C TYR A 16 -3.20 -10.62 -24.55
N GLY A 17 -3.01 -9.63 -25.42
CA GLY A 17 -1.74 -8.94 -25.52
C GLY A 17 -0.62 -9.86 -26.00
N VAL A 18 0.61 -9.36 -25.89
CA VAL A 18 1.80 -10.04 -26.40
C VAL A 18 2.89 -9.98 -25.33
N VAL A 19 3.59 -11.09 -25.13
CA VAL A 19 4.68 -11.15 -24.14
C VAL A 19 6.05 -10.95 -24.81
N TYR A 20 6.93 -10.21 -24.14
CA TYR A 20 8.30 -9.96 -24.62
C TYR A 20 9.31 -10.26 -23.51
N LYS A 21 10.47 -10.78 -23.89
CA LYS A 21 11.61 -10.86 -22.98
C LYS A 21 12.33 -9.53 -23.02
N ALA A 22 12.38 -8.85 -21.88
CA ALA A 22 13.09 -7.59 -21.80
C ALA A 22 14.01 -7.60 -20.57
N ARG A 23 14.88 -6.61 -20.47
CA ARG A 23 15.70 -6.46 -19.29
C ARG A 23 15.80 -5.02 -18.80
N ASN A 24 15.71 -4.87 -17.49
CA ASN A 24 15.94 -3.62 -16.82
C ASN A 24 17.38 -3.22 -17.02
N LYS A 25 17.60 -2.02 -17.53
CA LYS A 25 18.94 -1.53 -17.84
C LYS A 25 19.68 -1.06 -16.60
N LEU A 26 18.94 -0.83 -15.53
CA LEU A 26 19.50 -0.29 -14.31
C LEU A 26 19.85 -1.39 -13.30
N THR A 27 18.92 -2.33 -13.12
CA THR A 27 19.10 -3.42 -12.17
C THR A 27 19.65 -4.70 -12.81
N GLY A 28 19.51 -4.82 -14.13
CA GLY A 28 19.93 -6.04 -14.84
C GLY A 28 18.89 -7.17 -14.82
N GLU A 29 17.77 -6.94 -14.14
CA GLU A 29 16.74 -7.97 -14.05
C GLU A 29 16.18 -8.33 -15.43
N VAL A 30 16.07 -9.64 -15.71
CA VAL A 30 15.39 -10.10 -16.91
C VAL A 30 13.90 -10.27 -16.60
N VAL A 31 13.04 -9.65 -17.42
CA VAL A 31 11.59 -9.66 -17.19
C VAL A 31 10.80 -10.11 -18.43
N ALA A 32 9.51 -10.38 -18.21
CA ALA A 32 8.57 -10.59 -19.29
C ALA A 32 7.55 -9.46 -19.29
N LEU A 33 7.28 -8.89 -20.45
CA LEU A 33 6.37 -7.74 -20.54
C LEU A 33 5.13 -8.09 -21.33
N LYS A 34 3.98 -8.10 -20.65
CA LYS A 34 2.72 -8.27 -21.34
C LYS A 34 2.21 -6.90 -21.77
N LYS A 35 2.07 -6.71 -23.08
CA LYS A 35 1.70 -5.41 -23.64
C LYS A 35 0.29 -5.44 -24.22
N ILE A 36 -0.57 -4.51 -23.80
CA ILE A 36 -1.95 -4.45 -24.29
C ILE A 36 -2.24 -3.12 -24.93
N ARG A 37 -2.48 -3.13 -26.24
CA ARG A 37 -2.89 -1.92 -26.95
C ARG A 37 -4.30 -1.54 -26.51
N LEU A 38 -4.47 -0.28 -26.10
CA LEU A 38 -5.77 0.25 -25.73
C LEU A 38 -6.10 1.42 -26.65
N ASP A 39 -6.42 1.11 -27.91
CA ASP A 39 -6.85 2.11 -28.89
C ASP A 39 -8.10 2.90 -28.44
N THR A 40 -8.70 2.45 -27.33
CA THR A 40 -9.84 3.11 -26.62
C THR A 40 -11.21 2.88 -27.26
N GLU A 41 -11.38 3.35 -28.51
CA GLU A 41 -12.62 3.25 -29.28
C GLU A 41 -13.25 1.85 -29.26
N THR A 42 -12.48 0.87 -28.81
CA THR A 42 -12.99 -0.47 -28.54
C THR A 42 -13.98 -0.37 -27.36
N GLU A 43 -13.57 -0.89 -26.20
CA GLU A 43 -14.41 -0.94 -25.01
C GLU A 43 -13.57 -0.73 -23.74
N GLY A 44 -12.57 0.15 -23.82
CA GLY A 44 -11.68 0.43 -22.70
C GLY A 44 -10.76 -0.72 -22.34
N VAL A 45 -10.42 -0.82 -21.06
CA VAL A 45 -9.56 -1.91 -20.55
C VAL A 45 -10.34 -3.22 -20.49
N PRO A 46 -9.79 -4.30 -21.09
CA PRO A 46 -10.50 -5.56 -21.23
C PRO A 46 -10.62 -6.31 -19.91
N SER A 47 -11.75 -6.99 -19.72
CA SER A 47 -12.00 -7.72 -18.48
C SER A 47 -10.93 -8.75 -18.16
N THR A 48 -10.31 -9.31 -19.20
CA THR A 48 -9.16 -10.22 -19.04
C THR A 48 -8.00 -9.55 -18.29
N ALA A 49 -7.74 -8.28 -18.62
CA ALA A 49 -6.69 -7.53 -17.95
C ALA A 49 -7.10 -7.18 -16.51
N ILE A 50 -8.34 -6.72 -16.36
CA ILE A 50 -8.89 -6.34 -15.06
C ILE A 50 -8.89 -7.51 -14.06
N ARG A 51 -9.15 -8.71 -14.56
CA ARG A 51 -9.05 -9.90 -13.71
C ARG A 51 -7.59 -10.28 -13.42
N GLU A 52 -6.75 -10.38 -14.45
CA GLU A 52 -5.36 -10.82 -14.25
C GLU A 52 -4.58 -9.94 -13.27
N ILE A 53 -4.75 -8.63 -13.37
CA ILE A 53 -4.02 -7.70 -12.52
C ILE A 53 -4.50 -7.69 -11.06
N SER A 54 -5.81 -7.60 -10.83
CA SER A 54 -6.32 -7.60 -9.45
C SER A 54 -6.08 -8.95 -8.77
N LEU A 55 -6.26 -10.05 -9.49
CA LEU A 55 -6.01 -11.35 -8.88
C LEU A 55 -4.52 -11.56 -8.60
N LEU A 56 -3.68 -11.32 -9.60
CA LEU A 56 -2.24 -11.54 -9.47
C LEU A 56 -1.52 -10.63 -8.45
N LYS A 57 -2.08 -9.46 -8.17
CA LYS A 57 -1.51 -8.57 -7.16
C LYS A 57 -1.72 -9.11 -5.74
N GLU A 58 -2.63 -10.05 -5.59
CA GLU A 58 -2.90 -10.67 -4.30
C GLU A 58 -2.18 -12.00 -4.18
N LEU A 59 -2.07 -12.72 -5.30
CA LEU A 59 -1.52 -14.07 -5.32
C LEU A 59 0.01 -14.08 -5.35
N ASN A 60 0.59 -14.06 -4.17
CA ASN A 60 2.01 -14.05 -4.01
C ASN A 60 2.52 -15.38 -3.42
N HIS A 61 3.09 -16.21 -4.30
CA HIS A 61 3.47 -17.58 -3.97
C HIS A 61 4.59 -18.00 -4.92
N PRO A 62 5.61 -18.75 -4.43
CA PRO A 62 6.75 -19.15 -5.29
C PRO A 62 6.39 -20.05 -6.51
N ASN A 63 5.14 -20.49 -6.60
CA ASN A 63 4.70 -21.33 -7.72
C ASN A 63 3.57 -20.70 -8.52
N ILE A 64 3.38 -19.40 -8.28
CA ILE A 64 2.55 -18.55 -9.12
C ILE A 64 3.47 -17.49 -9.68
N VAL A 65 3.44 -17.33 -11.00
CA VAL A 65 4.26 -16.33 -11.67
C VAL A 65 4.04 -14.94 -11.06
N LYS A 66 5.13 -14.21 -10.83
CA LYS A 66 5.07 -12.97 -10.05
C LYS A 66 4.84 -11.71 -10.88
N LEU A 67 3.74 -11.00 -10.60
CA LEU A 67 3.48 -9.66 -11.19
C LEU A 67 4.27 -8.57 -10.47
N LEU A 68 5.25 -7.99 -11.16
CA LEU A 68 6.18 -7.07 -10.51
C LEU A 68 5.73 -5.61 -10.55
N ASP A 69 5.11 -5.21 -11.65
CA ASP A 69 4.66 -3.84 -11.81
C ASP A 69 3.60 -3.76 -12.91
N VAL A 70 2.88 -2.64 -12.92
CA VAL A 70 1.91 -2.30 -13.96
C VAL A 70 2.21 -0.86 -14.38
N ILE A 71 2.43 -0.65 -15.67
CA ILE A 71 2.72 0.67 -16.21
C ILE A 71 1.62 1.10 -17.18
N HIS A 72 1.02 2.25 -16.92
CA HIS A 72 -0.33 2.56 -17.41
C HIS A 72 -0.48 3.85 -18.22
N THR A 73 0.33 3.97 -19.28
CA THR A 73 0.23 5.01 -20.33
C THR A 73 -1.25 5.20 -20.78
N GLU A 74 -1.54 6.34 -21.41
CA GLU A 74 -2.93 6.71 -21.78
C GLU A 74 -3.64 5.71 -22.73
N ASN A 75 -2.90 5.23 -23.74
CA ASN A 75 -3.46 4.31 -24.76
C ASN A 75 -2.74 2.94 -24.86
N LYS A 76 -1.92 2.64 -23.85
CA LYS A 76 -1.09 1.44 -23.81
C LYS A 76 -0.88 1.03 -22.35
N LEU A 77 -0.99 -0.26 -22.06
CA LEU A 77 -0.83 -0.77 -20.69
C LEU A 77 0.16 -1.94 -20.63
N TYR A 78 1.23 -1.76 -19.86
CA TYR A 78 2.30 -2.77 -19.73
C TYR A 78 2.29 -3.48 -18.39
N LEU A 79 2.29 -4.81 -18.43
CA LEU A 79 2.41 -5.63 -17.23
C LEU A 79 3.78 -6.28 -17.16
N VAL A 80 4.54 -5.96 -16.11
CA VAL A 80 5.90 -6.48 -15.94
C VAL A 80 5.88 -7.67 -14.98
N PHE A 81 6.28 -8.86 -15.48
CA PHE A 81 6.36 -10.11 -14.68
C PHE A 81 7.79 -10.57 -14.43
N GLU A 82 7.99 -11.44 -13.45
CA GLU A 82 9.24 -12.19 -13.39
C GLU A 82 9.34 -13.04 -14.67
N PHE A 83 10.56 -13.30 -15.12
CA PHE A 83 10.76 -14.03 -16.36
C PHE A 83 11.15 -15.47 -16.08
N LEU A 84 10.50 -16.41 -16.76
CA LEU A 84 10.93 -17.81 -16.72
C LEU A 84 11.47 -18.27 -18.06
N HIS A 85 12.20 -19.38 -18.05
CA HIS A 85 13.08 -19.81 -19.16
C HIS A 85 12.43 -20.61 -20.30
N GLN A 86 11.43 -21.43 -19.98
CA GLN A 86 10.58 -22.03 -21.00
C GLN A 86 9.30 -22.60 -20.42
N ASP A 87 8.40 -23.06 -21.29
CA ASP A 87 7.17 -23.68 -20.83
C ASP A 87 7.29 -25.19 -20.83
N LEU A 88 6.44 -25.82 -20.02
CA LEU A 88 6.45 -27.27 -19.87
C LEU A 88 6.32 -27.99 -21.21
N LYS A 89 5.46 -27.48 -22.08
CA LYS A 89 5.27 -28.08 -23.42
C LYS A 89 6.56 -28.26 -24.18
N LYS A 90 7.36 -27.19 -24.30
CA LYS A 90 8.66 -27.28 -24.98
C LYS A 90 9.63 -28.24 -24.29
N PHE A 91 9.63 -28.24 -22.96
CA PHE A 91 10.48 -29.15 -22.19
C PHE A 91 10.15 -30.60 -22.48
N MET A 92 8.87 -30.91 -22.52
CA MET A 92 8.44 -32.27 -22.83
C MET A 92 8.93 -32.73 -24.21
N ASP A 93 8.85 -31.85 -25.20
CA ASP A 93 9.36 -32.13 -26.54
C ASP A 93 10.88 -32.20 -26.57
N ALA A 94 11.55 -31.46 -25.67
CA ALA A 94 12.99 -31.53 -25.57
C ALA A 94 13.44 -32.85 -24.95
N SER A 95 12.56 -33.47 -24.15
CA SER A 95 12.81 -34.75 -23.51
C SER A 95 12.27 -35.93 -24.34
N ALA A 96 12.25 -35.76 -25.67
CA ALA A 96 11.60 -36.71 -26.59
C ALA A 96 12.18 -38.12 -26.52
N LEU A 97 13.51 -38.21 -26.42
CA LEU A 97 14.20 -39.50 -26.40
C LEU A 97 14.27 -40.11 -25.01
N THR A 98 14.82 -39.35 -24.05
CA THR A 98 15.05 -39.87 -22.70
C THR A 98 13.76 -39.99 -21.89
N GLY A 99 12.84 -39.06 -22.10
CA GLY A 99 11.69 -38.92 -21.20
C GLY A 99 12.17 -38.13 -20.01
N ILE A 100 11.23 -37.77 -19.14
CA ILE A 100 11.56 -36.97 -17.97
C ILE A 100 11.85 -37.90 -16.80
N PRO A 101 13.00 -37.71 -16.12
CA PRO A 101 13.27 -38.43 -14.88
C PRO A 101 12.13 -38.31 -13.86
N LEU A 102 11.80 -39.43 -13.23
CA LEU A 102 10.67 -39.51 -12.29
C LEU A 102 10.75 -38.52 -11.12
N PRO A 103 11.96 -38.24 -10.58
CA PRO A 103 12.09 -37.20 -9.55
C PRO A 103 11.75 -35.78 -10.01
N LEU A 104 11.78 -35.54 -11.32
CA LEU A 104 11.47 -34.22 -11.86
C LEU A 104 9.98 -34.09 -12.11
N ILE A 105 9.38 -35.14 -12.66
CA ILE A 105 7.91 -35.24 -12.74
C ILE A 105 7.33 -35.10 -11.33
N LYS A 106 7.92 -35.79 -10.37
CA LYS A 106 7.43 -35.79 -9.00
C LYS A 106 7.44 -34.36 -8.42
N SER A 107 8.63 -33.75 -8.41
CA SER A 107 8.79 -32.38 -7.99
C SER A 107 7.79 -31.48 -8.69
N TYR A 108 7.73 -31.54 -10.02
CA TYR A 108 6.85 -30.64 -10.75
C TYR A 108 5.40 -30.73 -10.29
N LEU A 109 4.89 -31.94 -10.10
CA LEU A 109 3.50 -32.13 -9.66
C LEU A 109 3.27 -31.52 -8.28
N PHE A 110 4.21 -31.74 -7.37
CA PHE A 110 4.15 -31.22 -6.02
C PHE A 110 4.03 -29.70 -6.06
N GLN A 111 4.98 -29.05 -6.73
CA GLN A 111 4.97 -27.59 -6.85
C GLN A 111 3.66 -27.07 -7.47
N LEU A 112 3.18 -27.75 -8.52
CA LEU A 112 1.98 -27.30 -9.21
C LEU A 112 0.76 -27.34 -8.30
N LEU A 113 0.72 -28.36 -7.45
CA LEU A 113 -0.37 -28.56 -6.49
C LEU A 113 -0.32 -27.53 -5.36
N GLN A 114 0.88 -27.07 -5.01
CA GLN A 114 1.04 -25.99 -4.04
C GLN A 114 0.44 -24.70 -4.59
N GLY A 115 0.90 -24.28 -5.77
CA GLY A 115 0.44 -23.05 -6.39
C GLY A 115 -1.06 -23.04 -6.55
N LEU A 116 -1.62 -24.20 -6.87
CA LEU A 116 -3.07 -24.32 -7.08
C LEU A 116 -3.85 -24.29 -5.77
N ALA A 117 -3.33 -24.95 -4.73
CA ALA A 117 -4.00 -24.88 -3.43
C ALA A 117 -4.06 -23.42 -2.98
N PHE A 118 -3.02 -22.68 -3.32
CA PHE A 118 -2.93 -21.30 -2.87
C PHE A 118 -3.98 -20.45 -3.60
N CYS A 119 -4.21 -20.73 -4.89
CA CYS A 119 -5.24 -20.05 -5.67
C CYS A 119 -6.59 -20.35 -5.09
N HIS A 120 -6.82 -21.64 -4.82
CA HIS A 120 -8.10 -22.09 -4.27
C HIS A 120 -8.32 -21.52 -2.87
N SER A 121 -7.25 -21.44 -2.08
CA SER A 121 -7.34 -20.87 -0.72
C SER A 121 -7.67 -19.36 -0.76
N HIS A 122 -7.34 -18.74 -1.89
CA HIS A 122 -7.56 -17.31 -2.11
C HIS A 122 -8.69 -17.03 -3.10
N ARG A 123 -9.63 -17.98 -3.17
CA ARG A 123 -10.87 -17.87 -3.97
C ARG A 123 -10.67 -17.52 -5.47
N VAL A 124 -9.64 -18.13 -6.08
CA VAL A 124 -9.31 -17.92 -7.50
C VAL A 124 -9.30 -19.26 -8.23
N LEU A 125 -10.03 -19.35 -9.34
CA LEU A 125 -9.98 -20.50 -10.23
C LEU A 125 -9.12 -20.10 -11.42
N HIS A 126 -8.18 -20.94 -11.79
CA HIS A 126 -7.30 -20.63 -12.93
C HIS A 126 -8.02 -20.82 -14.27
N ARG A 127 -8.59 -22.00 -14.46
CA ARG A 127 -9.48 -22.32 -15.60
C ARG A 127 -8.80 -22.47 -16.97
N ASP A 128 -7.47 -22.61 -17.00
CA ASP A 128 -6.77 -22.81 -18.26
C ASP A 128 -5.41 -23.47 -18.05
N LEU A 129 -5.32 -24.37 -17.07
CA LEU A 129 -4.09 -25.14 -16.89
C LEU A 129 -3.84 -26.01 -18.11
N LYS A 130 -2.57 -26.07 -18.50
CA LYS A 130 -2.09 -26.77 -19.70
C LYS A 130 -0.60 -26.46 -19.82
N PRO A 131 0.17 -27.32 -20.50
CA PRO A 131 1.64 -27.22 -20.44
C PRO A 131 2.19 -25.89 -21.01
N GLN A 132 1.46 -25.33 -21.98
CA GLN A 132 1.76 -24.00 -22.50
C GLN A 132 1.75 -22.90 -21.40
N ASN A 133 0.87 -23.04 -20.41
CA ASN A 133 0.74 -22.06 -19.32
C ASN A 133 1.57 -22.35 -18.05
N LEU A 134 2.38 -23.41 -18.07
CA LEU A 134 3.18 -23.77 -16.90
C LEU A 134 4.66 -23.54 -17.23
N LEU A 135 5.30 -22.65 -16.48
CA LEU A 135 6.65 -22.19 -16.84
C LEU A 135 7.76 -22.67 -15.92
N ILE A 136 8.91 -23.01 -16.50
CA ILE A 136 10.00 -23.56 -15.72
C ILE A 136 11.26 -22.69 -15.73
N ASN A 137 12.05 -22.79 -14.67
CA ASN A 137 13.34 -22.14 -14.62
C ASN A 137 14.50 -23.14 -14.40
N THR A 138 15.74 -22.68 -14.58
CA THR A 138 16.90 -23.59 -14.55
C THR A 138 17.14 -24.13 -13.16
N GLU A 139 16.69 -23.39 -12.15
CA GLU A 139 16.94 -23.76 -10.76
C GLU A 139 16.03 -24.88 -10.23
N GLY A 140 14.96 -25.19 -10.96
CA GLY A 140 14.12 -26.34 -10.66
C GLY A 140 12.66 -26.04 -10.36
N ALA A 141 12.28 -24.77 -10.49
CA ALA A 141 10.92 -24.32 -10.24
C ALA A 141 10.04 -24.48 -11.47
N ILE A 142 8.74 -24.68 -11.21
CA ILE A 142 7.69 -24.65 -12.22
C ILE A 142 6.60 -23.74 -11.66
N LYS A 143 5.98 -22.92 -12.50
CA LYS A 143 5.00 -21.94 -12.00
C LYS A 143 3.75 -21.81 -12.88
N LEU A 144 2.61 -21.52 -12.26
CA LEU A 144 1.37 -21.24 -12.98
C LEU A 144 1.45 -19.83 -13.58
N ALA A 145 1.20 -19.74 -14.91
CA ALA A 145 1.13 -18.46 -15.63
C ALA A 145 -0.18 -18.25 -16.40
N ASP A 146 -0.31 -17.06 -17.00
CA ASP A 146 -1.51 -16.62 -17.74
C ASP A 146 -2.83 -16.84 -16.99
N PHE A 147 -3.14 -15.90 -16.11
CA PHE A 147 -4.39 -15.84 -15.37
C PHE A 147 -5.43 -15.00 -16.11
N GLY A 148 -5.26 -14.90 -17.44
CA GLY A 148 -6.21 -14.19 -18.30
C GLY A 148 -7.61 -14.78 -18.24
N LEU A 149 -7.71 -16.09 -18.10
CA LEU A 149 -8.98 -16.78 -18.04
C LEU A 149 -9.50 -16.96 -16.61
N ALA A 150 -8.64 -16.73 -15.63
CA ALA A 150 -8.96 -16.89 -14.21
C ALA A 150 -10.14 -16.08 -13.72
N ARG A 151 -10.77 -16.51 -12.63
CA ARG A 151 -11.76 -15.64 -11.96
C ARG A 151 -11.88 -15.81 -10.45
N ALA A 152 -12.40 -14.78 -9.79
CA ALA A 152 -12.57 -14.82 -8.35
C ALA A 152 -13.90 -15.49 -8.08
N PHE A 153 -13.94 -16.45 -7.17
CA PHE A 153 -15.22 -17.11 -6.92
C PHE A 153 -15.81 -16.81 -5.54
N GLY A 154 -17.11 -17.07 -5.40
CA GLY A 154 -17.79 -16.97 -4.11
C GLY A 154 -18.02 -18.37 -3.55
N VAL A 155 -18.46 -18.44 -2.29
CA VAL A 155 -18.66 -19.71 -1.58
C VAL A 155 -20.07 -19.76 -1.01
N PRO A 156 -20.94 -20.66 -1.52
CA PRO A 156 -20.69 -21.57 -2.63
C PRO A 156 -20.69 -20.83 -3.98
N VAL A 157 -20.30 -21.53 -5.04
CA VAL A 157 -20.09 -20.92 -6.35
C VAL A 157 -21.40 -20.59 -7.05
N ARG A 158 -21.40 -19.53 -7.85
CA ARG A 158 -22.52 -19.28 -8.77
C ARG A 158 -22.20 -19.94 -10.11
N THR A 159 -23.15 -19.86 -11.05
CA THR A 159 -22.89 -20.20 -12.44
C THR A 159 -21.94 -19.15 -13.05
N TYR A 160 -20.82 -19.61 -13.63
CA TYR A 160 -19.88 -18.73 -14.34
C TYR A 160 -19.83 -19.09 -15.84
N TPO A 161 -18.98 -18.41 -16.59
CA TPO A 161 -18.79 -18.68 -18.02
CB TPO A 161 -17.55 -17.93 -18.51
CG2 TPO A 161 -17.47 -17.88 -20.04
OG1 TPO A 161 -17.63 -16.58 -18.04
P TPO A 161 -16.55 -15.98 -17.02
O1P TPO A 161 -17.15 -14.60 -16.86
O2P TPO A 161 -16.61 -16.80 -15.78
O3P TPO A 161 -15.21 -16.07 -17.73
C TPO A 161 -18.63 -20.14 -18.35
O TPO A 161 -17.87 -20.85 -17.68
N HIS A 162 -19.37 -20.60 -19.37
CA HIS A 162 -19.26 -22.00 -19.79
C HIS A 162 -18.11 -22.31 -20.78
N GLU A 163 -17.86 -21.42 -21.74
CA GLU A 163 -16.77 -21.65 -22.71
C GLU A 163 -15.39 -21.61 -22.02
N VAL A 164 -15.00 -22.71 -21.35
CA VAL A 164 -13.91 -22.65 -20.37
C VAL A 164 -12.94 -23.85 -20.33
N VAL A 165 -11.66 -23.55 -20.10
CA VAL A 165 -10.55 -24.53 -20.14
C VAL A 165 -10.29 -24.98 -21.58
N THR A 166 -9.00 -25.07 -21.94
CA THR A 166 -8.62 -25.62 -23.23
C THR A 166 -9.13 -27.07 -23.31
N LEU A 167 -9.63 -27.44 -24.47
CA LEU A 167 -10.43 -28.66 -24.62
C LEU A 167 -9.76 -29.95 -24.13
N TRP A 168 -8.51 -30.20 -24.51
CA TRP A 168 -7.85 -31.44 -24.14
C TRP A 168 -7.83 -31.62 -22.61
N TYR A 169 -8.08 -30.53 -21.89
CA TYR A 169 -7.89 -30.49 -20.43
C TYR A 169 -9.16 -30.15 -19.69
N ARG A 170 -10.27 -30.05 -20.43
CA ARG A 170 -11.57 -29.71 -19.85
C ARG A 170 -12.21 -30.88 -19.08
N ALA A 171 -12.64 -30.59 -17.84
CA ALA A 171 -13.25 -31.58 -16.97
C ALA A 171 -14.60 -32.03 -17.52
N PRO A 172 -15.00 -33.29 -17.23
CA PRO A 172 -16.29 -33.79 -17.70
C PRO A 172 -17.51 -33.02 -17.19
N GLU A 173 -17.45 -32.40 -16.02
CA GLU A 173 -18.59 -31.63 -15.53
C GLU A 173 -18.89 -30.40 -16.40
N ILE A 174 -17.87 -29.88 -17.08
CA ILE A 174 -18.09 -28.77 -18.01
C ILE A 174 -18.63 -29.32 -19.33
N LEU A 175 -17.96 -30.35 -19.86
CA LEU A 175 -18.40 -31.00 -21.08
C LEU A 175 -19.85 -31.47 -21.00
N LEU A 176 -20.32 -31.83 -19.81
CA LEU A 176 -21.73 -32.27 -19.67
C LEU A 176 -22.66 -31.11 -19.32
N GLY A 177 -22.11 -29.89 -19.36
CA GLY A 177 -22.89 -28.66 -19.27
C GLY A 177 -23.54 -28.38 -17.93
N CYS A 178 -22.92 -28.87 -16.86
CA CYS A 178 -23.44 -28.71 -15.51
C CYS A 178 -23.46 -27.23 -15.06
N LYS A 179 -24.55 -26.81 -14.42
CA LYS A 179 -24.76 -25.38 -14.11
C LYS A 179 -23.75 -24.79 -13.13
N TYR A 180 -23.17 -25.66 -12.29
CA TYR A 180 -22.14 -25.27 -11.34
C TYR A 180 -20.86 -26.07 -11.54
N TYR A 181 -19.72 -25.38 -11.52
CA TYR A 181 -18.42 -26.01 -11.44
C TYR A 181 -17.51 -25.30 -10.45
N SER A 182 -16.53 -26.03 -9.94
CA SER A 182 -15.74 -25.55 -8.83
C SER A 182 -14.27 -25.87 -9.00
N THR A 183 -13.56 -25.91 -7.88
CA THR A 183 -12.11 -26.09 -7.83
C THR A 183 -11.66 -27.41 -8.44
N ALA A 184 -12.56 -28.39 -8.51
CA ALA A 184 -12.22 -29.68 -9.09
C ALA A 184 -11.83 -29.61 -10.59
N VAL A 185 -12.25 -28.56 -11.30
CA VAL A 185 -11.93 -28.46 -12.73
C VAL A 185 -10.44 -28.23 -12.90
N ASP A 186 -9.83 -27.45 -12.02
CA ASP A 186 -8.39 -27.24 -12.07
C ASP A 186 -7.59 -28.53 -11.74
N ILE A 187 -8.15 -29.39 -10.90
CA ILE A 187 -7.50 -30.67 -10.57
C ILE A 187 -7.50 -31.63 -11.77
N TRP A 188 -8.63 -31.71 -12.48
CA TRP A 188 -8.74 -32.54 -13.69
C TRP A 188 -7.60 -32.18 -14.65
N SER A 189 -7.40 -30.89 -14.85
CA SER A 189 -6.38 -30.38 -15.77
C SER A 189 -4.98 -30.78 -15.32
N LEU A 190 -4.67 -30.56 -14.06
CA LEU A 190 -3.42 -31.08 -13.48
C LEU A 190 -3.33 -32.62 -13.53
N GLY A 191 -4.46 -33.31 -13.48
CA GLY A 191 -4.46 -34.76 -13.65
C GLY A 191 -3.99 -35.15 -15.06
N CYS A 192 -4.52 -34.44 -16.06
CA CYS A 192 -4.17 -34.70 -17.45
C CYS A 192 -2.68 -34.39 -17.67
N ILE A 193 -2.19 -33.33 -17.00
CA ILE A 193 -0.82 -32.84 -17.17
C ILE A 193 0.23 -33.80 -16.56
N PHE A 194 -0.18 -34.46 -15.49
CA PHE A 194 0.63 -35.48 -14.82
C PHE A 194 0.80 -36.70 -15.73
N ALA A 195 -0.31 -37.14 -16.34
CA ALA A 195 -0.30 -38.19 -17.36
C ALA A 195 0.65 -37.81 -18.47
N GLU A 196 0.48 -36.58 -18.94
CA GLU A 196 1.26 -36.04 -20.06
C GLU A 196 2.74 -35.95 -19.74
N MET A 197 3.08 -35.62 -18.50
CA MET A 197 4.50 -35.54 -18.12
C MET A 197 5.17 -36.92 -18.18
N VAL A 198 4.42 -37.96 -17.81
CA VAL A 198 4.92 -39.33 -17.86
C VAL A 198 5.03 -39.89 -19.29
N THR A 199 4.01 -39.66 -20.11
CA THR A 199 3.94 -40.25 -21.47
C THR A 199 4.50 -39.34 -22.56
N ARG A 200 4.49 -38.03 -22.31
CA ARG A 200 4.86 -37.01 -23.32
C ARG A 200 3.89 -36.93 -24.50
N ARG A 201 2.59 -37.05 -24.21
CA ARG A 201 1.51 -36.96 -25.21
C ARG A 201 0.20 -36.78 -24.46
N ALA A 202 -0.67 -35.95 -25.01
CA ALA A 202 -1.91 -35.59 -24.30
C ALA A 202 -2.76 -36.82 -23.96
N LEU A 203 -3.30 -36.84 -22.75
CA LEU A 203 -4.13 -37.95 -22.27
C LEU A 203 -5.42 -38.09 -23.07
N PHE A 204 -6.09 -36.97 -23.32
CA PHE A 204 -7.33 -36.95 -24.10
C PHE A 204 -7.32 -35.92 -25.25
N PRO A 205 -6.63 -36.22 -26.36
CA PRO A 205 -6.61 -35.27 -27.49
C PRO A 205 -7.89 -35.22 -28.36
N GLY A 206 -8.99 -34.69 -27.84
CA GLY A 206 -10.22 -34.61 -28.61
C GLY A 206 -10.20 -33.56 -29.72
N ASP A 207 -11.07 -33.72 -30.72
CA ASP A 207 -11.24 -32.70 -31.76
C ASP A 207 -12.62 -32.02 -31.78
N SER A 208 -13.43 -32.31 -30.76
CA SER A 208 -14.72 -31.66 -30.55
C SER A 208 -15.19 -32.02 -29.15
N GLU A 209 -16.22 -31.36 -28.67
CA GLU A 209 -16.74 -31.67 -27.34
C GLU A 209 -17.13 -33.14 -27.20
N ILE A 210 -17.91 -33.67 -28.15
CA ILE A 210 -18.39 -35.06 -28.09
C ILE A 210 -17.24 -36.08 -28.20
N ASP A 211 -16.27 -35.83 -29.08
CA ASP A 211 -15.12 -36.70 -29.23
C ASP A 211 -14.25 -36.69 -27.96
N GLN A 212 -14.19 -35.52 -27.32
CA GLN A 212 -13.47 -35.38 -26.06
C GLN A 212 -14.08 -36.26 -24.95
N LEU A 213 -15.39 -36.14 -24.76
CA LEU A 213 -16.15 -36.98 -23.84
C LEU A 213 -15.92 -38.46 -24.09
N PHE A 214 -16.04 -38.85 -25.36
CA PHE A 214 -15.91 -40.23 -25.78
C PHE A 214 -14.51 -40.80 -25.54
N ARG A 215 -13.50 -39.95 -25.69
CA ARG A 215 -12.11 -40.33 -25.42
C ARG A 215 -11.88 -40.52 -23.93
N ILE A 216 -12.53 -39.67 -23.13
CA ILE A 216 -12.49 -39.82 -21.68
C ILE A 216 -13.24 -41.08 -21.27
N PHE A 217 -14.45 -41.27 -21.79
CA PHE A 217 -15.26 -42.45 -21.48
C PHE A 217 -14.61 -43.79 -21.87
N ARG A 218 -13.82 -43.80 -22.94
CA ARG A 218 -13.21 -45.07 -23.37
C ARG A 218 -12.01 -45.45 -22.52
N THR A 219 -11.59 -44.52 -21.67
CA THR A 219 -10.39 -44.65 -20.86
C THR A 219 -10.75 -44.94 -19.39
N LEU A 220 -11.74 -44.21 -18.89
CA LEU A 220 -12.14 -44.32 -17.50
C LEU A 220 -13.49 -45.00 -17.36
N GLY A 221 -14.09 -45.40 -18.47
CA GLY A 221 -15.41 -46.02 -18.46
C GLY A 221 -16.48 -44.95 -18.58
N THR A 222 -17.60 -45.27 -19.24
CA THR A 222 -18.74 -44.36 -19.28
C THR A 222 -19.32 -44.31 -17.86
N PRO A 223 -19.53 -43.10 -17.32
CA PRO A 223 -20.03 -42.99 -15.94
C PRO A 223 -21.53 -43.25 -15.83
N ASP A 224 -21.90 -43.94 -14.76
CA ASP A 224 -23.30 -44.18 -14.41
C ASP A 224 -23.63 -43.58 -13.03
N GLU A 225 -24.87 -43.77 -12.57
CA GLU A 225 -25.35 -43.21 -11.29
C GLU A 225 -24.59 -43.74 -10.09
N VAL A 226 -24.07 -44.97 -10.21
CA VAL A 226 -23.25 -45.58 -9.16
C VAL A 226 -21.91 -44.87 -8.97
N VAL A 227 -21.15 -44.69 -10.05
CA VAL A 227 -19.84 -44.02 -9.95
C VAL A 227 -19.97 -42.49 -9.82
N TRP A 228 -21.04 -41.94 -10.40
CA TRP A 228 -21.27 -40.48 -10.37
C TRP A 228 -22.77 -40.21 -10.24
N PRO A 229 -23.27 -40.11 -8.99
CA PRO A 229 -24.70 -39.87 -8.80
C PRO A 229 -25.13 -38.56 -9.46
N GLY A 230 -26.20 -38.62 -10.24
CA GLY A 230 -26.73 -37.45 -10.92
C GLY A 230 -26.19 -37.19 -12.32
N VAL A 231 -25.38 -38.09 -12.88
CA VAL A 231 -24.87 -37.92 -14.25
C VAL A 231 -25.98 -37.88 -15.27
N THR A 232 -26.87 -38.87 -15.18
CA THR A 232 -27.91 -39.08 -16.17
C THR A 232 -28.88 -37.90 -16.22
N SER A 233 -28.85 -37.06 -15.19
CA SER A 233 -29.69 -35.86 -15.17
C SER A 233 -28.98 -34.58 -15.66
N MET A 234 -27.74 -34.71 -16.08
CA MET A 234 -26.96 -33.55 -16.55
C MET A 234 -27.38 -33.07 -17.95
N PRO A 235 -27.44 -31.74 -18.16
CA PRO A 235 -28.07 -31.13 -19.35
C PRO A 235 -27.60 -31.73 -20.67
N ASP A 236 -26.31 -32.01 -20.78
CA ASP A 236 -25.77 -32.54 -22.02
C ASP A 236 -25.53 -34.05 -21.98
N TYR A 237 -26.06 -34.69 -20.94
CA TYR A 237 -26.01 -36.15 -20.87
C TYR A 237 -27.05 -36.74 -21.81
N LYS A 238 -26.64 -37.76 -22.56
CA LYS A 238 -27.53 -38.44 -23.48
C LYS A 238 -27.56 -39.93 -23.14
N PRO A 239 -28.77 -40.50 -22.94
CA PRO A 239 -28.91 -41.93 -22.64
C PRO A 239 -28.42 -42.83 -23.78
N SER A 240 -28.16 -42.24 -24.94
CA SER A 240 -27.66 -42.99 -26.07
C SER A 240 -26.13 -43.03 -26.11
N PHE A 241 -25.46 -42.44 -25.12
CA PHE A 241 -24.00 -42.54 -25.00
C PHE A 241 -23.61 -44.01 -25.00
N PRO A 242 -22.58 -44.37 -25.77
CA PRO A 242 -22.08 -45.73 -25.71
C PRO A 242 -21.57 -45.99 -24.29
N LYS A 243 -21.73 -47.21 -23.81
CA LYS A 243 -21.31 -47.53 -22.45
C LYS A 243 -20.03 -48.37 -22.48
N TRP A 244 -18.89 -47.73 -22.29
CA TRP A 244 -17.62 -48.44 -22.35
C TRP A 244 -17.18 -48.93 -20.97
N ALA A 245 -16.66 -50.15 -20.94
CA ALA A 245 -16.09 -50.68 -19.70
C ALA A 245 -14.88 -49.83 -19.32
N ARG A 246 -14.58 -49.79 -18.02
CA ARG A 246 -13.46 -49.02 -17.52
C ARG A 246 -12.19 -49.86 -17.60
N GLN A 247 -11.13 -49.24 -18.09
CA GLN A 247 -9.83 -49.88 -18.24
C GLN A 247 -9.13 -50.01 -16.90
N ASP A 248 -8.63 -51.22 -16.63
CA ASP A 248 -7.59 -51.46 -15.63
C ASP A 248 -6.65 -50.26 -15.62
N PHE A 249 -6.74 -49.45 -14.58
CA PHE A 249 -6.03 -48.17 -14.55
C PHE A 249 -4.51 -48.26 -14.72
N SER A 250 -3.95 -49.46 -14.63
CA SER A 250 -2.51 -49.62 -14.82
C SER A 250 -2.17 -49.48 -16.30
N LYS A 251 -3.18 -49.68 -17.14
CA LYS A 251 -2.99 -49.58 -18.58
C LYS A 251 -3.05 -48.16 -19.11
N VAL A 252 -3.63 -47.24 -18.34
CA VAL A 252 -3.73 -45.83 -18.75
C VAL A 252 -2.35 -45.19 -18.92
N VAL A 253 -1.50 -45.34 -17.92
CA VAL A 253 -0.12 -44.86 -17.98
C VAL A 253 0.77 -46.00 -17.48
N PRO A 254 1.11 -46.95 -18.38
CA PRO A 254 1.87 -48.15 -18.00
C PRO A 254 3.17 -47.99 -17.16
N PRO A 255 4.00 -46.95 -17.41
CA PRO A 255 5.23 -46.90 -16.60
C PRO A 255 5.01 -46.46 -15.15
N LEU A 256 3.86 -45.86 -14.87
CA LEU A 256 3.57 -45.31 -13.55
C LEU A 256 3.50 -46.37 -12.46
N ASP A 257 4.15 -46.09 -11.33
CA ASP A 257 4.12 -46.97 -10.15
C ASP A 257 2.75 -46.94 -9.44
N GLU A 258 2.55 -47.87 -8.52
CA GLU A 258 1.32 -47.99 -7.73
C GLU A 258 0.88 -46.68 -7.03
N ASP A 259 1.81 -46.00 -6.35
CA ASP A 259 1.49 -44.73 -5.69
C ASP A 259 1.11 -43.66 -6.71
N GLY A 260 1.86 -43.62 -7.83
CA GLY A 260 1.54 -42.72 -8.94
C GLY A 260 0.14 -42.96 -9.47
N ARG A 261 -0.15 -44.23 -9.76
CA ARG A 261 -1.48 -44.64 -10.24
C ARG A 261 -2.58 -44.21 -9.30
N SER A 262 -2.40 -44.46 -8.01
CA SER A 262 -3.37 -44.06 -6.99
C SER A 262 -3.64 -42.56 -7.07
N LEU A 263 -2.57 -41.78 -7.14
CA LEU A 263 -2.75 -40.34 -7.16
C LEU A 263 -3.52 -39.93 -8.40
N LEU A 264 -3.09 -40.45 -9.55
CA LEU A 264 -3.70 -40.09 -10.81
C LEU A 264 -5.17 -40.48 -10.82
N SER A 265 -5.51 -41.61 -10.20
CA SER A 265 -6.88 -42.07 -10.22
C SER A 265 -7.80 -41.13 -9.46
N GLN A 266 -7.28 -40.54 -8.39
CA GLN A 266 -8.07 -39.61 -7.55
C GLN A 266 -8.18 -38.21 -8.12
N MET A 267 -7.25 -37.82 -8.99
CA MET A 267 -7.36 -36.56 -9.72
C MET A 267 -8.37 -36.69 -10.89
N LEU A 268 -8.59 -37.91 -11.38
CA LEU A 268 -9.44 -38.16 -12.55
C LEU A 268 -10.79 -38.81 -12.19
N HIS A 269 -11.13 -38.75 -10.90
CA HIS A 269 -12.42 -39.21 -10.44
C HIS A 269 -13.53 -38.45 -11.16
N TYR A 270 -14.54 -39.16 -11.65
CA TYR A 270 -15.61 -38.51 -12.39
C TYR A 270 -16.34 -37.45 -11.58
N ASP A 271 -16.73 -37.83 -10.37
CA ASP A 271 -17.58 -37.03 -9.51
C ASP A 271 -16.76 -35.94 -8.86
N PRO A 272 -16.99 -34.66 -9.23
CA PRO A 272 -16.26 -33.51 -8.67
C PRO A 272 -16.21 -33.47 -7.13
N ASN A 273 -17.25 -33.94 -6.46
CA ASN A 273 -17.25 -34.04 -5.00
C ASN A 273 -16.21 -35.02 -4.45
N LYS A 274 -15.93 -36.07 -5.20
CA LYS A 274 -15.05 -37.14 -4.73
C LYS A 274 -13.60 -36.91 -5.15
N ARG A 275 -13.40 -36.04 -6.14
CA ARG A 275 -12.08 -35.77 -6.70
C ARG A 275 -11.19 -35.08 -5.67
N ILE A 276 -9.96 -35.56 -5.57
CA ILE A 276 -8.99 -35.06 -4.60
C ILE A 276 -8.70 -33.55 -4.77
N SER A 277 -8.60 -32.84 -3.65
CA SER A 277 -8.33 -31.40 -3.65
C SER A 277 -6.83 -31.20 -3.77
N ALA A 278 -6.39 -29.98 -4.08
CA ALA A 278 -4.97 -29.70 -4.16
C ALA A 278 -4.32 -29.84 -2.80
N LYS A 279 -4.99 -29.32 -1.76
CA LYS A 279 -4.55 -29.41 -0.39
C LYS A 279 -4.24 -30.85 0.01
N ALA A 280 -5.22 -31.75 -0.13
CA ALA A 280 -5.06 -33.17 0.27
C ALA A 280 -4.03 -33.95 -0.55
N ALA A 281 -3.93 -33.66 -1.84
CA ALA A 281 -2.99 -34.35 -2.72
C ALA A 281 -1.52 -34.12 -2.35
N LEU A 282 -1.23 -33.02 -1.66
CA LEU A 282 0.11 -32.77 -1.17
C LEU A 282 0.65 -33.83 -0.20
N ALA A 283 -0.27 -34.51 0.51
CA ALA A 283 0.12 -35.47 1.54
C ALA A 283 0.04 -36.93 1.07
N HIS A 284 -0.07 -37.11 -0.24
CA HIS A 284 -0.14 -38.44 -0.83
C HIS A 284 1.22 -39.14 -0.78
N PRO A 285 1.23 -40.45 -0.47
CA PRO A 285 2.50 -41.21 -0.37
C PRO A 285 3.43 -41.09 -1.58
N PHE A 286 2.85 -40.84 -2.77
CA PHE A 286 3.63 -40.55 -3.98
C PHE A 286 4.73 -39.53 -3.72
N PHE A 287 4.44 -38.57 -2.85
CA PHE A 287 5.39 -37.50 -2.56
C PHE A 287 6.26 -37.73 -1.32
N GLN A 288 6.25 -38.95 -0.77
CA GLN A 288 7.08 -39.25 0.40
C GLN A 288 8.57 -38.97 0.17
N ASP A 289 9.07 -39.27 -1.02
CA ASP A 289 10.51 -39.09 -1.31
C ASP A 289 10.86 -37.88 -2.19
N VAL A 290 9.95 -36.89 -2.23
CA VAL A 290 10.05 -35.76 -3.16
C VAL A 290 11.22 -34.78 -2.86
N THR A 291 11.98 -34.45 -3.90
CA THR A 291 13.00 -33.42 -3.81
C THR A 291 12.71 -32.33 -4.85
N LYS A 292 13.57 -31.31 -4.93
CA LYS A 292 13.46 -30.31 -6.01
C LYS A 292 14.78 -30.18 -6.79
N PRO A 293 15.06 -31.15 -7.68
CA PRO A 293 16.23 -31.04 -8.52
C PRO A 293 16.05 -30.02 -9.65
N VAL A 294 17.19 -29.59 -10.17
CA VAL A 294 17.34 -28.82 -11.41
C VAL A 294 16.96 -29.68 -12.62
N PRO A 295 16.40 -29.07 -13.70
CA PRO A 295 16.11 -29.84 -14.92
C PRO A 295 17.33 -30.55 -15.44
N HIS A 296 17.14 -31.71 -16.05
CA HIS A 296 18.27 -32.50 -16.56
C HIS A 296 18.80 -32.03 -17.92
N LEU A 297 18.14 -31.02 -18.50
CA LEU A 297 18.51 -30.45 -19.81
C LEU A 297 18.74 -28.94 -19.71
N ARG A 298 19.59 -28.43 -20.60
CA ARG A 298 19.84 -26.98 -20.69
C ARG A 298 18.64 -26.33 -21.39
N LEU A 299 18.07 -25.30 -20.75
CA LEU A 299 16.81 -24.73 -21.22
C LEU A 299 16.97 -23.67 -22.32
N GLY B 1 -21.17 -30.82 -1.27
CA GLY B 1 -19.99 -31.21 -2.06
C GLY B 1 -19.14 -30.03 -2.51
N VAL B 2 -18.33 -30.27 -3.54
CA VAL B 2 -17.29 -29.35 -3.99
C VAL B 2 -17.77 -27.92 -4.31
N ASN B 3 -19.07 -27.74 -4.53
CA ASN B 3 -19.63 -26.40 -4.79
C ASN B 3 -19.49 -25.48 -3.60
N GLU B 4 -19.58 -26.06 -2.40
CA GLU B 4 -19.37 -25.35 -1.13
C GLU B 4 -17.91 -25.39 -0.68
N VAL B 5 -17.04 -25.95 -1.55
CA VAL B 5 -15.60 -25.94 -1.34
C VAL B 5 -15.18 -26.34 0.13
N PRO B 6 -15.62 -27.51 0.61
CA PRO B 6 -15.29 -27.97 1.97
C PRO B 6 -13.82 -27.83 2.37
N ASP B 7 -12.89 -28.05 1.43
CA ASP B 7 -11.46 -27.99 1.76
C ASP B 7 -10.87 -26.60 1.89
N TYR B 8 -11.62 -25.57 1.48
CA TYR B 8 -11.06 -24.21 1.41
C TYR B 8 -11.92 -23.11 2.05
N HIS B 9 -13.16 -23.43 2.42
CA HIS B 9 -14.07 -22.39 2.93
C HIS B 9 -13.57 -21.59 4.16
N GLU B 10 -12.86 -22.26 5.08
CA GLU B 10 -12.31 -21.59 6.27
C GLU B 10 -11.16 -20.65 5.88
N ASP B 11 -10.24 -21.15 5.08
CA ASP B 11 -9.11 -20.39 4.55
C ASP B 11 -9.61 -19.16 3.80
N ILE B 12 -10.65 -19.37 2.99
CA ILE B 12 -11.23 -18.28 2.19
C ILE B 12 -11.88 -17.23 3.09
N HIS B 13 -12.62 -17.67 4.11
CA HIS B 13 -13.23 -16.77 5.08
C HIS B 13 -12.15 -15.95 5.76
N THR B 14 -11.11 -16.65 6.25
CA THR B 14 -9.97 -16.01 6.90
C THR B 14 -9.38 -14.97 5.96
N TYR B 15 -9.27 -15.31 4.68
CA TYR B 15 -8.63 -14.41 3.74
C TYR B 15 -9.48 -13.16 3.51
N LEU B 16 -10.79 -13.36 3.38
CA LEU B 16 -11.72 -12.26 3.19
C LEU B 16 -11.73 -11.35 4.40
N ARG B 17 -11.60 -11.91 5.60
CA ARG B 17 -11.63 -11.12 6.85
C ARG B 17 -10.44 -10.16 6.90
N GLU B 18 -9.35 -10.58 6.27
CA GLU B 18 -8.14 -9.80 6.19
C GLU B 18 -8.28 -8.67 5.17
N MET B 19 -8.86 -8.98 4.01
CA MET B 19 -8.97 -8.01 2.93
C MET B 19 -10.05 -6.95 3.17
N GLU B 20 -11.12 -7.31 3.87
CA GLU B 20 -12.18 -6.34 4.13
C GLU B 20 -11.69 -5.15 4.95
N VAL B 21 -10.65 -5.37 5.75
CA VAL B 21 -10.01 -4.29 6.49
C VAL B 21 -9.16 -3.40 5.56
N LYS B 22 -8.32 -4.05 4.75
CA LYS B 22 -7.46 -3.35 3.80
C LYS B 22 -8.27 -2.59 2.74
N CYS B 23 -9.41 -3.17 2.35
CA CYS B 23 -10.31 -2.60 1.34
C CYS B 23 -11.40 -1.66 1.88
N LYS B 24 -11.38 -1.39 3.19
CA LYS B 24 -12.36 -0.49 3.80
C LYS B 24 -12.18 0.96 3.39
N PRO B 25 -13.27 1.61 2.91
CA PRO B 25 -13.28 3.04 2.62
C PRO B 25 -13.00 3.79 3.90
N LYS B 26 -12.63 5.07 3.84
CA LYS B 26 -12.46 5.80 5.09
C LYS B 26 -13.79 6.42 5.54
N VAL B 27 -14.12 6.24 6.82
CA VAL B 27 -15.46 6.56 7.36
C VAL B 27 -15.84 8.04 7.30
N GLY B 28 -14.87 8.92 7.51
CA GLY B 28 -15.17 10.34 7.60
C GLY B 28 -15.11 11.11 6.29
N TYR B 29 -15.13 10.40 5.16
CA TYR B 29 -14.84 11.01 3.86
C TYR B 29 -15.83 12.07 3.39
N MET B 30 -17.10 11.93 3.76
CA MET B 30 -18.15 12.81 3.22
C MET B 30 -18.06 14.21 3.80
N LYS B 31 -17.63 14.31 5.06
CA LYS B 31 -17.34 15.58 5.70
C LYS B 31 -16.30 16.40 4.93
N LYS B 32 -15.31 15.72 4.37
CA LYS B 32 -14.21 16.35 3.64
C LYS B 32 -14.50 16.62 2.15
N GLN B 33 -15.66 16.21 1.67
CA GLN B 33 -16.09 16.52 0.31
C GLN B 33 -16.83 17.86 0.29
N PRO B 34 -16.37 18.81 -0.55
CA PRO B 34 -16.93 20.16 -0.54
C PRO B 34 -18.33 20.27 -1.13
N ASP B 35 -18.62 19.52 -2.19
CA ASP B 35 -19.82 19.77 -3.00
C ASP B 35 -20.87 18.65 -3.04
N ILE B 36 -20.46 17.42 -2.72
CA ILE B 36 -21.41 16.30 -2.65
C ILE B 36 -21.79 15.98 -1.19
N THR B 37 -22.93 15.32 -1.00
CA THR B 37 -23.46 15.02 0.34
C THR B 37 -23.80 13.55 0.48
N ASN B 38 -24.24 13.17 1.69
CA ASN B 38 -24.74 11.81 1.98
C ASN B 38 -25.98 11.52 1.13
N SER B 39 -26.82 12.54 1.01
CA SER B 39 -28.05 12.46 0.24
C SER B 39 -27.78 12.31 -1.26
N MET B 40 -26.78 13.05 -1.76
CA MET B 40 -26.38 12.93 -3.16
C MET B 40 -25.79 11.56 -3.48
N ARG B 41 -25.13 10.95 -2.50
CA ARG B 41 -24.64 9.58 -2.62
C ARG B 41 -25.79 8.57 -2.64
N ALA B 42 -26.78 8.80 -1.78
CA ALA B 42 -27.98 7.98 -1.73
C ALA B 42 -28.65 7.91 -3.09
N ILE B 43 -28.94 9.09 -3.66
CA ILE B 43 -29.54 9.20 -4.99
C ILE B 43 -28.79 8.39 -6.04
N LEU B 44 -27.45 8.48 -6.03
CA LEU B 44 -26.60 7.71 -6.93
C LEU B 44 -26.69 6.21 -6.73
N VAL B 45 -26.51 5.75 -5.50
CA VAL B 45 -26.56 4.31 -5.22
C VAL B 45 -27.94 3.78 -5.61
N ASP B 46 -29.00 4.51 -5.27
CA ASP B 46 -30.35 4.11 -5.66
C ASP B 46 -30.49 3.99 -7.18
N TRP B 47 -29.87 4.90 -7.92
CA TRP B 47 -29.83 4.84 -9.38
C TRP B 47 -29.11 3.58 -9.88
N LEU B 48 -27.95 3.30 -9.30
CA LEU B 48 -27.19 2.12 -9.70
C LEU B 48 -28.01 0.85 -9.50
N VAL B 49 -28.86 0.86 -8.47
CA VAL B 49 -29.78 -0.24 -8.22
C VAL B 49 -30.70 -0.42 -9.44
N GLU B 50 -31.28 0.69 -9.93
CA GLU B 50 -32.10 0.62 -11.14
C GLU B 50 -31.32 0.05 -12.31
N VAL B 51 -30.08 0.51 -12.48
CA VAL B 51 -29.21 0.02 -13.57
C VAL B 51 -29.05 -1.51 -13.50
N GLY B 52 -28.68 -2.01 -12.32
CA GLY B 52 -28.57 -3.45 -12.09
C GLY B 52 -29.85 -4.20 -12.42
N GLU B 53 -30.99 -3.61 -12.08
CA GLU B 53 -32.31 -4.17 -12.39
C GLU B 53 -32.58 -4.10 -13.88
N GLU B 54 -32.14 -3.00 -14.49
CA GLU B 54 -32.38 -2.75 -15.89
C GLU B 54 -31.56 -3.69 -16.77
N TYR B 55 -30.34 -4.03 -16.35
CA TYR B 55 -29.51 -4.93 -17.16
C TYR B 55 -29.38 -6.35 -16.58
N LYS B 56 -30.17 -6.60 -15.55
CA LYS B 56 -30.26 -7.91 -14.90
C LYS B 56 -28.88 -8.39 -14.44
N LEU B 57 -28.12 -7.46 -13.86
CA LEU B 57 -26.80 -7.72 -13.32
C LEU B 57 -26.90 -8.48 -12.00
N GLN B 58 -25.84 -9.21 -11.66
CA GLN B 58 -25.73 -9.84 -10.36
C GLN B 58 -25.79 -8.81 -9.24
N ASN B 59 -26.32 -9.19 -8.08
CA ASN B 59 -26.27 -8.33 -6.89
C ASN B 59 -24.83 -8.08 -6.41
N GLU B 60 -23.95 -9.04 -6.67
CA GLU B 60 -22.54 -8.91 -6.32
C GLU B 60 -21.88 -7.73 -7.02
N THR B 61 -22.26 -7.53 -8.28
CA THR B 61 -21.76 -6.45 -9.10
C THR B 61 -22.11 -5.13 -8.45
N LEU B 62 -23.35 -5.02 -7.95
CA LEU B 62 -23.84 -3.79 -7.33
C LEU B 62 -22.96 -3.42 -6.14
N HIS B 63 -22.80 -4.35 -5.20
CA HIS B 63 -21.95 -4.20 -4.03
C HIS B 63 -20.50 -3.82 -4.36
N LEU B 64 -19.96 -4.47 -5.39
CA LEU B 64 -18.61 -4.19 -5.84
C LEU B 64 -18.52 -2.75 -6.33
N ALA B 65 -19.46 -2.36 -7.18
CA ALA B 65 -19.47 -0.99 -7.71
C ALA B 65 -19.37 0.04 -6.58
N VAL B 66 -20.31 -0.04 -5.63
CA VAL B 66 -20.35 0.85 -4.46
C VAL B 66 -19.04 0.88 -3.65
N ASN B 67 -18.38 -0.26 -3.48
CA ASN B 67 -17.08 -0.33 -2.79
C ASN B 67 -16.08 0.55 -3.53
N TYR B 68 -16.17 0.49 -4.87
CA TYR B 68 -15.29 1.29 -5.72
C TYR B 68 -15.61 2.78 -5.63
N ILE B 69 -16.89 3.12 -5.62
CA ILE B 69 -17.33 4.53 -5.54
C ILE B 69 -16.88 5.09 -4.19
N ASP B 70 -17.02 4.28 -3.15
CA ASP B 70 -16.67 4.70 -1.81
C ASP B 70 -15.16 4.87 -1.56
N ARG B 71 -14.34 4.00 -2.16
CA ARG B 71 -12.89 4.09 -2.01
C ARG B 71 -12.33 5.25 -2.83
N PHE B 72 -12.84 5.39 -4.05
CA PHE B 72 -12.43 6.48 -4.94
C PHE B 72 -12.71 7.83 -4.29
N LEU B 73 -13.90 7.95 -3.70
CA LEU B 73 -14.34 9.19 -3.06
C LEU B 73 -13.65 9.45 -1.72
N SER B 74 -13.00 8.43 -1.16
CA SER B 74 -12.20 8.58 0.06
C SER B 74 -10.96 9.43 -0.17
N SER B 75 -10.49 9.49 -1.42
CA SER B 75 -9.27 10.24 -1.72
C SER B 75 -9.40 11.21 -2.89
N MET B 76 -10.58 11.27 -3.52
CA MET B 76 -10.81 12.20 -4.63
C MET B 76 -12.04 13.06 -4.39
N SER B 77 -11.85 14.38 -4.38
CA SER B 77 -13.01 15.26 -4.34
C SER B 77 -13.61 15.43 -5.76
N VAL B 78 -14.93 15.52 -5.82
CA VAL B 78 -15.69 15.44 -7.07
C VAL B 78 -16.88 16.40 -6.98
N LEU B 79 -17.08 17.21 -8.01
CA LEU B 79 -18.23 18.12 -8.08
C LEU B 79 -19.53 17.36 -8.39
N ARG B 80 -20.66 17.89 -7.92
CA ARG B 80 -21.94 17.20 -8.01
C ARG B 80 -22.32 16.77 -9.44
N GLY B 81 -22.06 17.64 -10.42
CA GLY B 81 -22.29 17.33 -11.84
C GLY B 81 -21.45 16.17 -12.38
N LYS B 82 -20.50 15.67 -11.59
CA LYS B 82 -19.59 14.60 -12.04
C LYS B 82 -19.68 13.33 -11.19
N LEU B 83 -20.54 13.34 -10.18
CA LEU B 83 -20.65 12.20 -9.29
C LEU B 83 -21.17 10.98 -10.03
N GLN B 84 -22.14 11.20 -10.92
CA GLN B 84 -22.73 10.12 -11.70
C GLN B 84 -21.72 9.45 -12.66
N LEU B 85 -20.81 10.25 -13.20
CA LEU B 85 -19.76 9.74 -14.08
C LEU B 85 -18.89 8.73 -13.34
N VAL B 86 -18.51 9.08 -12.10
CA VAL B 86 -17.70 8.20 -11.25
C VAL B 86 -18.42 6.86 -11.06
N GLY B 87 -19.70 6.93 -10.71
CA GLY B 87 -20.54 5.76 -10.53
C GLY B 87 -20.67 4.91 -11.78
N THR B 88 -20.78 5.55 -12.94
CA THR B 88 -20.93 4.81 -14.20
C THR B 88 -19.66 4.05 -14.54
N ALA B 89 -18.50 4.68 -14.40
CA ALA B 89 -17.22 3.99 -14.58
C ALA B 89 -17.07 2.81 -13.61
N ALA B 90 -17.49 3.04 -12.36
CA ALA B 90 -17.44 2.02 -11.34
C ALA B 90 -18.30 0.82 -11.72
N MET B 91 -19.55 1.09 -12.12
CA MET B 91 -20.48 0.04 -12.51
C MET B 91 -19.97 -0.70 -13.76
N LEU B 92 -19.40 0.05 -14.70
CA LEU B 92 -18.75 -0.55 -15.86
C LEU B 92 -17.63 -1.51 -15.44
N LEU B 93 -16.77 -1.06 -14.51
CA LEU B 93 -15.66 -1.86 -14.03
C LEU B 93 -16.15 -3.10 -13.30
N ALA B 94 -17.02 -2.92 -12.30
CA ALA B 94 -17.62 -4.03 -11.57
C ALA B 94 -18.15 -5.13 -12.50
N SER B 95 -18.87 -4.73 -13.55
CA SER B 95 -19.45 -5.66 -14.52
C SER B 95 -18.33 -6.46 -15.21
N LYS B 96 -17.27 -5.76 -15.64
CA LYS B 96 -16.11 -6.42 -16.24
C LYS B 96 -15.49 -7.46 -15.32
N PHE B 97 -15.45 -7.17 -14.03
CA PHE B 97 -14.93 -8.12 -13.04
C PHE B 97 -15.85 -9.32 -12.81
N GLU B 98 -17.14 -9.07 -12.67
CA GLU B 98 -18.11 -10.05 -12.13
C GLU B 98 -19.07 -10.71 -13.12
N GLU B 99 -19.28 -10.10 -14.28
CA GLU B 99 -20.33 -10.57 -15.16
C GLU B 99 -19.81 -11.51 -16.25
N ILE B 100 -20.56 -12.58 -16.52
CA ILE B 100 -20.28 -13.42 -17.69
C ILE B 100 -20.46 -12.58 -18.95
N TYR B 101 -21.59 -11.87 -19.04
CA TYR B 101 -21.90 -11.02 -20.20
C TYR B 101 -22.12 -9.56 -19.78
N PRO B 102 -21.04 -8.79 -19.57
CA PRO B 102 -21.26 -7.42 -19.12
C PRO B 102 -21.84 -6.54 -20.21
N PRO B 103 -22.66 -5.54 -19.84
CA PRO B 103 -23.17 -4.58 -20.81
C PRO B 103 -22.01 -3.89 -21.50
N GLU B 104 -22.22 -3.44 -22.73
CA GLU B 104 -21.12 -2.79 -23.43
C GLU B 104 -21.08 -1.30 -23.12
N VAL B 105 -19.92 -0.69 -23.30
CA VAL B 105 -19.70 0.72 -22.95
C VAL B 105 -20.83 1.59 -23.49
N ALA B 106 -21.16 1.39 -24.77
CA ALA B 106 -22.25 2.13 -25.44
C ALA B 106 -23.55 2.14 -24.64
N GLU B 107 -23.89 1.02 -24.02
CA GLU B 107 -25.07 0.95 -23.17
C GLU B 107 -24.94 1.81 -21.91
N PHE B 108 -23.75 1.85 -21.31
CA PHE B 108 -23.51 2.67 -20.12
C PHE B 108 -23.62 4.18 -20.37
N VAL B 109 -23.14 4.62 -21.53
CA VAL B 109 -23.33 6.01 -21.96
C VAL B 109 -24.83 6.31 -22.08
N TYR B 110 -25.57 5.34 -22.61
CA TYR B 110 -27.01 5.45 -22.84
C TYR B 110 -27.89 5.68 -21.58
N ILE B 111 -27.63 4.93 -20.50
CA ILE B 111 -28.42 5.12 -19.26
C ILE B 111 -28.04 6.35 -18.45
N THR B 112 -26.92 6.99 -18.76
CA THR B 112 -26.62 8.31 -18.19
C THR B 112 -27.41 9.40 -18.94
N ASP B 113 -28.36 8.97 -19.77
CA ASP B 113 -29.23 9.82 -20.60
C ASP B 113 -28.50 10.98 -21.33
N ASP B 114 -27.41 10.62 -22.00
CA ASP B 114 -26.57 11.56 -22.78
C ASP B 114 -26.10 12.79 -22.01
N THR B 115 -25.74 12.58 -20.74
CA THR B 115 -25.09 13.60 -19.93
C THR B 115 -23.59 13.61 -20.26
N TYR B 116 -23.02 12.42 -20.35
CA TYR B 116 -21.60 12.22 -20.58
C TYR B 116 -21.35 11.52 -21.92
N THR B 117 -20.20 11.78 -22.53
CA THR B 117 -19.80 11.09 -23.75
C THR B 117 -19.06 9.79 -23.42
N LYS B 118 -18.98 8.90 -24.41
CA LYS B 118 -18.18 7.67 -24.32
C LYS B 118 -16.75 7.98 -23.87
N LYS B 119 -16.16 8.98 -24.51
CA LYS B 119 -14.83 9.53 -24.17
C LYS B 119 -14.66 9.71 -22.65
N GLN B 120 -15.65 10.34 -22.03
CA GLN B 120 -15.63 10.60 -20.60
C GLN B 120 -15.65 9.34 -19.76
N VAL B 121 -16.63 8.46 -20.03
CA VAL B 121 -16.80 7.21 -19.28
C VAL B 121 -15.51 6.38 -19.27
N LEU B 122 -14.89 6.26 -20.44
CA LEU B 122 -13.65 5.50 -20.61
C LEU B 122 -12.46 6.09 -19.88
N ARG B 123 -12.27 7.40 -20.03
CA ARG B 123 -11.26 8.14 -19.29
C ARG B 123 -11.46 8.02 -17.78
N MET B 124 -12.71 8.07 -17.33
CA MET B 124 -13.03 7.90 -15.91
C MET B 124 -12.69 6.49 -15.42
N GLU B 125 -12.99 5.47 -16.23
CA GLU B 125 -12.68 4.09 -15.91
C GLU B 125 -11.20 4.01 -15.58
N HIS B 126 -10.40 4.43 -16.54
CA HIS B 126 -8.96 4.54 -16.40
C HIS B 126 -8.54 5.21 -15.07
N LEU B 127 -9.21 6.31 -14.73
CA LEU B 127 -8.87 7.08 -13.52
C LEU B 127 -9.22 6.30 -12.26
N VAL B 128 -10.40 5.70 -12.22
CA VAL B 128 -10.79 4.83 -11.11
C VAL B 128 -9.77 3.72 -10.92
N LEU B 129 -9.25 3.21 -12.04
CA LEU B 129 -8.23 2.15 -12.01
C LEU B 129 -6.91 2.61 -11.38
N LYS B 130 -6.46 3.82 -11.69
CA LYS B 130 -5.25 4.37 -11.10
C LYS B 130 -5.42 4.55 -9.58
N VAL B 131 -6.55 5.14 -9.16
CA VAL B 131 -6.79 5.49 -7.75
C VAL B 131 -6.98 4.24 -6.91
N LEU B 132 -7.72 3.29 -7.46
CA LEU B 132 -7.87 2.01 -6.79
C LEU B 132 -6.64 1.11 -7.03
N ALA B 133 -5.73 1.56 -7.89
CA ALA B 133 -4.52 0.81 -8.29
C ALA B 133 -4.84 -0.63 -8.71
N PHE B 134 -5.95 -0.78 -9.45
CA PHE B 134 -6.46 -2.07 -9.95
C PHE B 134 -6.90 -3.06 -8.87
N ASP B 135 -7.07 -2.60 -7.64
CA ASP B 135 -7.46 -3.52 -6.57
C ASP B 135 -8.98 -3.66 -6.51
N LEU B 136 -9.51 -4.48 -7.41
CA LEU B 136 -10.96 -4.64 -7.60
C LEU B 136 -11.59 -5.94 -6.97
N ALA B 137 -10.76 -6.89 -6.56
CA ALA B 137 -11.23 -8.13 -5.92
C ALA B 137 -11.57 -7.90 -4.45
N ALA B 138 -12.62 -7.12 -4.22
CA ALA B 138 -12.96 -6.70 -2.87
C ALA B 138 -14.03 -7.59 -2.24
N PRO B 139 -13.91 -7.86 -0.93
CA PRO B 139 -14.96 -8.51 -0.17
C PRO B 139 -16.21 -7.63 -0.05
N THR B 140 -17.38 -8.26 -0.07
CA THR B 140 -18.66 -7.58 -0.03
C THR B 140 -19.57 -8.24 1.01
N ILE B 141 -20.69 -7.60 1.30
CA ILE B 141 -21.71 -8.18 2.17
C ILE B 141 -22.11 -9.56 1.68
N ASN B 142 -22.30 -9.72 0.36
CA ASN B 142 -22.78 -10.98 -0.21
C ASN B 142 -21.80 -12.13 -0.12
N GLN B 143 -20.52 -11.84 -0.28
CA GLN B 143 -19.53 -12.91 -0.15
C GLN B 143 -19.62 -13.53 1.25
N PHE B 144 -19.95 -12.71 2.24
CA PHE B 144 -20.12 -13.21 3.58
C PHE B 144 -21.48 -13.86 3.76
N LEU B 145 -22.55 -13.13 3.43
CA LEU B 145 -23.93 -13.65 3.56
C LEU B 145 -24.06 -15.05 3.01
N THR B 146 -23.50 -15.23 1.83
CA THR B 146 -23.54 -16.48 1.10
C THR B 146 -22.93 -17.66 1.91
N GLN B 147 -21.91 -17.39 2.73
CA GLN B 147 -21.35 -18.44 3.60
C GLN B 147 -22.18 -18.66 4.86
N TYR B 148 -22.72 -17.56 5.40
CA TYR B 148 -23.62 -17.63 6.54
C TYR B 148 -24.85 -18.50 6.22
N PHE B 149 -25.42 -18.31 5.04
CA PHE B 149 -26.55 -19.13 4.59
C PHE B 149 -26.32 -20.65 4.75
N LEU B 150 -25.06 -21.07 4.74
CA LEU B 150 -24.72 -22.48 4.84
C LEU B 150 -24.96 -23.07 6.22
N HIS B 151 -25.46 -22.24 7.14
CA HIS B 151 -25.62 -22.65 8.53
C HIS B 151 -27.05 -22.91 8.97
N GLN B 152 -28.02 -22.36 8.24
CA GLN B 152 -29.44 -22.59 8.53
C GLN B 152 -29.76 -24.07 8.38
N GLN B 153 -30.57 -24.59 9.30
CA GLN B 153 -31.05 -25.97 9.21
C GLN B 153 -32.59 -26.01 9.31
N PRO B 154 -33.29 -26.31 8.19
CA PRO B 154 -32.75 -26.39 6.83
C PRO B 154 -32.71 -25.00 6.19
N ALA B 155 -32.32 -24.93 4.91
CA ALA B 155 -32.28 -23.64 4.20
C ALA B 155 -33.67 -23.05 3.99
N ASN B 156 -33.79 -21.73 4.19
CA ASN B 156 -35.07 -21.03 3.98
C ASN B 156 -34.87 -19.88 2.99
N CYS B 157 -35.59 -19.93 1.86
CA CYS B 157 -35.41 -18.94 0.80
C CYS B 157 -35.87 -17.54 1.19
N LYS B 158 -36.95 -17.47 1.98
CA LYS B 158 -37.38 -16.20 2.57
C LYS B 158 -36.27 -15.55 3.42
N VAL B 159 -35.62 -16.34 4.28
CA VAL B 159 -34.47 -15.86 5.06
C VAL B 159 -33.36 -15.34 4.15
N GLU B 160 -33.00 -16.15 3.15
CA GLU B 160 -31.89 -15.81 2.29
C GLU B 160 -32.13 -14.48 1.57
N SER B 161 -33.25 -14.39 0.87
CA SER B 161 -33.66 -13.16 0.18
C SER B 161 -33.85 -11.93 1.08
N LEU B 162 -34.38 -12.10 2.29
CA LEU B 162 -34.54 -10.98 3.23
C LEU B 162 -33.20 -10.41 3.72
N ALA B 163 -32.23 -11.30 3.96
CA ALA B 163 -30.90 -10.90 4.41
C ALA B 163 -30.17 -10.09 3.36
N MET B 164 -30.30 -10.50 2.10
CA MET B 164 -29.72 -9.75 1.01
C MET B 164 -30.41 -8.42 0.82
N PHE B 165 -31.72 -8.40 1.02
CA PHE B 165 -32.51 -7.18 1.04
C PHE B 165 -31.95 -6.17 2.04
N LEU B 166 -31.75 -6.60 3.27
CA LEU B 166 -31.28 -5.70 4.32
C LEU B 166 -29.84 -5.25 4.10
N GLY B 167 -29.02 -6.14 3.53
CA GLY B 167 -27.64 -5.79 3.20
C GLY B 167 -27.65 -4.68 2.17
N GLU B 168 -28.49 -4.83 1.16
CA GLU B 168 -28.55 -3.90 0.04
C GLU B 168 -28.99 -2.49 0.50
N LEU B 169 -29.98 -2.43 1.40
CA LEU B 169 -30.45 -1.15 1.95
C LEU B 169 -29.33 -0.40 2.66
N SER B 170 -28.48 -1.12 3.39
CA SER B 170 -27.31 -0.52 4.04
C SER B 170 -26.35 0.16 3.06
N LEU B 171 -26.35 -0.27 1.80
CA LEU B 171 -25.49 0.37 0.79
C LEU B 171 -25.90 1.82 0.53
N ILE B 172 -27.16 2.15 0.80
CA ILE B 172 -27.74 3.44 0.40
C ILE B 172 -27.31 4.58 1.33
N ASP B 173 -27.16 4.29 2.62
CA ASP B 173 -26.98 5.32 3.64
C ASP B 173 -25.59 5.28 4.29
N ALA B 174 -24.69 6.14 3.81
CA ALA B 174 -23.32 6.24 4.34
C ALA B 174 -23.30 6.52 5.86
N ASP B 175 -24.20 7.38 6.33
CA ASP B 175 -24.45 7.50 7.76
C ASP B 175 -25.67 6.62 8.04
N PRO B 176 -25.50 5.54 8.84
CA PRO B 176 -24.27 5.14 9.53
C PRO B 176 -23.39 4.06 8.87
N TYR B 177 -23.87 3.36 7.84
CA TYR B 177 -23.26 2.08 7.48
C TYR B 177 -21.83 2.10 6.89
N LEU B 178 -21.26 3.30 6.78
CA LEU B 178 -19.91 3.41 6.26
C LEU B 178 -18.88 2.99 7.31
N LYS B 179 -19.33 2.84 8.55
CA LYS B 179 -18.45 2.45 9.65
C LYS B 179 -18.47 0.98 10.01
N TYR B 180 -19.43 0.21 9.53
CA TYR B 180 -19.41 -1.24 9.78
C TYR B 180 -18.75 -1.97 8.61
N LEU B 181 -18.11 -3.10 8.93
CA LEU B 181 -17.48 -3.94 7.91
C LEU B 181 -18.51 -4.85 7.24
N PRO B 182 -18.27 -5.25 5.98
CA PRO B 182 -19.12 -6.19 5.25
C PRO B 182 -19.55 -7.40 6.08
N SER B 183 -18.61 -8.04 6.76
CA SER B 183 -18.89 -9.25 7.54
C SER B 183 -19.84 -8.99 8.69
N VAL B 184 -19.73 -7.83 9.33
CA VAL B 184 -20.60 -7.48 10.45
C VAL B 184 -22.00 -7.08 9.99
N ILE B 185 -22.08 -6.37 8.86
CA ILE B 185 -23.39 -6.00 8.31
C ILE B 185 -24.14 -7.26 7.85
N ALA B 186 -23.45 -8.11 7.12
CA ALA B 186 -23.96 -9.42 6.74
C ALA B 186 -24.51 -10.18 7.94
N ALA B 187 -23.77 -10.17 9.05
CA ALA B 187 -24.14 -10.90 10.26
C ALA B 187 -25.41 -10.33 10.89
N ALA B 188 -25.45 -9.00 11.00
CA ALA B 188 -26.66 -8.28 11.45
C ALA B 188 -27.84 -8.59 10.55
N ALA B 189 -27.64 -8.43 9.24
CA ALA B 189 -28.68 -8.72 8.24
C ALA B 189 -29.17 -10.16 8.31
N PHE B 190 -28.23 -11.10 8.47
CA PHE B 190 -28.57 -12.50 8.64
C PHE B 190 -29.44 -12.74 9.88
N HIS B 191 -29.00 -12.25 11.03
CA HIS B 191 -29.79 -12.41 12.25
C HIS B 191 -31.19 -11.81 12.11
N LEU B 192 -31.21 -10.54 11.72
CA LEU B 192 -32.45 -9.78 11.61
C LEU B 192 -33.43 -10.49 10.68
N ALA B 193 -32.92 -10.95 9.54
CA ALA B 193 -33.69 -11.73 8.58
C ALA B 193 -34.23 -13.02 9.16
N LEU B 194 -33.35 -13.77 9.83
CA LEU B 194 -33.70 -15.06 10.41
C LEU B 194 -34.74 -14.92 11.52
N TYR B 195 -34.56 -13.91 12.36
CA TYR B 195 -35.47 -13.65 13.46
C TYR B 195 -36.84 -13.22 12.92
N THR B 196 -36.83 -12.32 11.94
CA THR B 196 -38.06 -11.86 11.30
C THR B 196 -38.87 -13.03 10.74
N VAL B 197 -38.20 -13.99 10.11
CA VAL B 197 -38.92 -15.05 9.41
C VAL B 197 -39.25 -16.21 10.34
N THR B 198 -38.25 -16.71 11.06
CA THR B 198 -38.39 -17.95 11.83
C THR B 198 -38.49 -17.79 13.35
N GLY B 199 -38.14 -16.61 13.85
CA GLY B 199 -38.06 -16.39 15.30
C GLY B 199 -36.75 -16.89 15.92
N GLN B 200 -35.86 -17.44 15.11
CA GLN B 200 -34.60 -17.99 15.61
C GLN B 200 -33.53 -16.91 15.74
N SER B 201 -32.34 -17.31 16.19
CA SER B 201 -31.25 -16.37 16.44
C SER B 201 -29.96 -16.77 15.75
N TRP B 202 -29.13 -15.76 15.50
CA TRP B 202 -27.72 -15.91 15.13
C TRP B 202 -27.15 -17.12 15.90
N PRO B 203 -26.79 -18.20 15.16
CA PRO B 203 -26.52 -19.50 15.76
C PRO B 203 -25.09 -19.69 16.22
N GLU B 204 -24.95 -20.49 17.27
CA GLU B 204 -23.66 -20.88 17.84
C GLU B 204 -22.61 -21.28 16.80
N SER B 205 -23.05 -21.85 15.67
CA SER B 205 -22.13 -22.32 14.64
C SER B 205 -21.45 -21.16 13.88
N LEU B 206 -22.14 -20.03 13.83
CA LEU B 206 -21.56 -18.82 13.26
C LEU B 206 -20.77 -18.02 14.28
N VAL B 207 -21.00 -18.31 15.56
CA VAL B 207 -20.16 -17.73 16.59
C VAL B 207 -18.79 -18.37 16.46
N GLN B 208 -18.77 -19.70 16.33
CA GLN B 208 -17.57 -20.47 16.04
C GLN B 208 -16.84 -19.96 14.82
N LYS B 209 -17.57 -19.75 13.72
CA LYS B 209 -16.96 -19.33 12.46
C LYS B 209 -16.40 -17.92 12.52
N THR B 210 -17.21 -16.97 12.99
CA THR B 210 -16.95 -15.55 12.82
C THR B 210 -16.34 -14.88 14.03
N GLY B 211 -16.57 -15.45 15.20
CA GLY B 211 -16.17 -14.82 16.46
C GLY B 211 -17.15 -13.77 16.93
N TYR B 212 -18.09 -13.37 16.08
CA TYR B 212 -19.09 -12.37 16.46
C TYR B 212 -20.19 -12.99 17.29
N THR B 213 -20.60 -12.27 18.34
CA THR B 213 -21.82 -12.59 19.09
C THR B 213 -22.86 -11.50 18.89
N LEU B 214 -24.08 -11.76 19.36
CA LEU B 214 -25.14 -10.75 19.44
C LEU B 214 -24.68 -9.47 20.14
N GLU B 215 -23.83 -9.63 21.16
CA GLU B 215 -23.32 -8.48 21.90
C GLU B 215 -22.40 -7.60 21.04
N THR B 216 -21.62 -8.22 20.17
CA THR B 216 -20.71 -7.45 19.30
C THR B 216 -21.41 -6.97 18.02
N LEU B 217 -22.55 -7.58 17.73
CA LEU B 217 -23.35 -7.19 16.59
C LEU B 217 -24.40 -6.12 16.95
N LYS B 218 -24.70 -5.99 18.24
CA LYS B 218 -25.80 -5.13 18.71
C LYS B 218 -25.82 -3.72 18.09
N PRO B 219 -24.70 -2.96 18.18
CA PRO B 219 -24.74 -1.60 17.61
C PRO B 219 -25.16 -1.51 16.12
N CYS B 220 -24.62 -2.40 15.28
CA CYS B 220 -25.01 -2.44 13.86
C CYS B 220 -26.45 -2.94 13.71
N LEU B 221 -26.76 -3.99 14.44
CA LEU B 221 -28.08 -4.59 14.47
C LEU B 221 -29.17 -3.59 14.87
N LEU B 222 -28.80 -2.61 15.69
CA LEU B 222 -29.75 -1.59 16.12
C LEU B 222 -29.99 -0.56 15.02
N ASP B 223 -28.94 -0.24 14.26
CA ASP B 223 -29.09 0.69 13.14
C ASP B 223 -29.88 0.05 12.03
N LEU B 224 -29.56 -1.22 11.74
CA LEU B 224 -30.21 -1.96 10.68
C LEU B 224 -31.71 -2.10 10.93
N HIS B 225 -32.06 -2.36 12.19
CA HIS B 225 -33.45 -2.48 12.60
C HIS B 225 -34.22 -1.21 12.30
N GLN B 226 -33.60 -0.06 12.58
CA GLN B 226 -34.20 1.24 12.27
C GLN B 226 -34.45 1.38 10.77
N THR B 227 -33.39 1.23 9.97
CA THR B 227 -33.48 1.38 8.52
C THR B 227 -34.63 0.57 7.97
N TYR B 228 -34.67 -0.71 8.36
CA TYR B 228 -35.78 -1.62 8.05
C TYR B 228 -37.17 -1.03 8.30
N LEU B 229 -37.37 -0.51 9.51
CA LEU B 229 -38.67 0.03 9.93
C LEU B 229 -39.05 1.31 9.19
N ARG B 230 -38.04 2.10 8.84
CA ARG B 230 -38.24 3.40 8.20
C ARG B 230 -38.22 3.31 6.66
N ALA B 231 -37.91 2.12 6.13
CA ALA B 231 -37.76 1.96 4.69
C ALA B 231 -38.96 2.45 3.84
N PRO B 232 -40.20 2.00 4.14
CA PRO B 232 -41.30 2.54 3.33
C PRO B 232 -41.32 4.07 3.24
N GLN B 233 -40.63 4.75 4.16
CA GLN B 233 -40.63 6.22 4.21
C GLN B 233 -39.40 6.87 3.59
N HIS B 234 -38.30 6.12 3.50
CA HIS B 234 -37.03 6.59 2.94
C HIS B 234 -37.28 7.23 1.57
N ALA B 235 -36.61 8.34 1.30
CA ALA B 235 -36.68 9.04 0.02
C ALA B 235 -36.30 8.15 -1.17
N GLN B 236 -35.31 7.27 -0.96
CA GLN B 236 -34.88 6.29 -1.96
C GLN B 236 -35.70 5.00 -1.85
N GLN B 237 -36.20 4.49 -2.98
CA GLN B 237 -37.17 3.40 -2.98
C GLN B 237 -36.92 2.22 -3.93
N SER B 238 -35.88 2.28 -4.76
CA SER B 238 -35.66 1.27 -5.80
C SER B 238 -35.47 -0.16 -5.26
N ILE B 239 -34.80 -0.27 -4.11
CA ILE B 239 -34.49 -1.57 -3.50
C ILE B 239 -35.76 -2.26 -3.01
N ARG B 240 -36.64 -1.49 -2.36
CA ARG B 240 -37.95 -2.01 -1.99
C ARG B 240 -38.65 -2.55 -3.22
N GLU B 241 -38.70 -1.73 -4.27
CA GLU B 241 -39.37 -2.10 -5.51
C GLU B 241 -38.78 -3.38 -6.08
N LYS B 242 -37.45 -3.43 -6.13
CA LYS B 242 -36.70 -4.57 -6.67
C LYS B 242 -37.02 -5.88 -5.96
N TYR B 243 -37.20 -5.81 -4.65
CA TYR B 243 -37.39 -7.00 -3.84
C TYR B 243 -38.86 -7.38 -3.62
N LYS B 244 -39.74 -6.78 -4.41
CA LYS B 244 -41.15 -7.19 -4.49
C LYS B 244 -41.28 -8.36 -5.45
N ASN B 245 -40.34 -8.44 -6.39
CA ASN B 245 -40.30 -9.47 -7.40
C ASN B 245 -40.28 -10.87 -6.80
N SER B 246 -40.92 -11.80 -7.51
CA SER B 246 -40.93 -13.21 -7.17
C SER B 246 -39.50 -13.76 -7.08
N LYS B 247 -38.63 -13.20 -7.91
CA LYS B 247 -37.21 -13.52 -7.93
C LYS B 247 -36.64 -13.63 -6.53
N TYR B 248 -37.05 -12.70 -5.66
CA TYR B 248 -36.53 -12.61 -4.30
C TYR B 248 -37.64 -12.86 -3.29
N HIS B 249 -38.63 -13.63 -3.71
CA HIS B 249 -39.67 -14.15 -2.83
C HIS B 249 -40.50 -13.04 -2.19
N GLY B 250 -40.49 -11.87 -2.82
CA GLY B 250 -41.28 -10.70 -2.40
C GLY B 250 -41.04 -10.26 -0.96
N VAL B 251 -39.82 -10.45 -0.47
CA VAL B 251 -39.52 -10.23 0.94
C VAL B 251 -39.74 -8.80 1.47
N SER B 252 -39.63 -7.81 0.58
CA SER B 252 -39.80 -6.41 0.97
C SER B 252 -41.25 -6.11 1.35
N LEU B 253 -42.10 -7.13 1.24
CA LEU B 253 -43.50 -6.99 1.64
C LEU B 253 -43.71 -7.46 3.08
N LEU B 254 -42.77 -8.26 3.58
CA LEU B 254 -42.80 -8.76 4.97
C LEU B 254 -42.82 -7.64 6.01
N ASN B 255 -43.37 -7.93 7.19
CA ASN B 255 -43.41 -6.96 8.27
C ASN B 255 -42.21 -7.07 9.22
N PRO B 256 -41.43 -5.99 9.36
CA PRO B 256 -40.34 -5.97 10.31
C PRO B 256 -40.85 -6.17 11.75
N PRO B 257 -40.04 -6.82 12.61
CA PRO B 257 -40.50 -7.04 13.98
C PRO B 257 -40.55 -5.70 14.70
N GLU B 258 -41.53 -5.51 15.58
CA GLU B 258 -41.63 -4.27 16.35
C GLU B 258 -40.46 -4.12 17.32
N THR B 259 -40.01 -5.24 17.89
CA THR B 259 -38.82 -5.27 18.76
C THR B 259 -37.89 -6.45 18.44
N LEU B 260 -36.61 -6.29 18.76
CA LEU B 260 -35.59 -7.33 18.53
C LEU B 260 -35.39 -8.21 19.77
N ASN B 261 -36.01 -7.80 20.88
CA ASN B 261 -35.87 -8.47 22.17
C ASN B 261 -34.43 -8.88 22.45
N LEU B 262 -33.55 -7.87 22.51
CA LEU B 262 -32.13 -8.08 22.79
C LEU B 262 -31.85 -7.98 24.28
N SER C 1 -0.25 11.72 -18.89
CA SER C 1 0.04 11.84 -17.42
C SER C 1 -0.58 13.10 -16.81
N MET C 2 -0.32 14.26 -17.42
CA MET C 2 -0.99 15.50 -17.03
C MET C 2 -2.24 15.75 -17.86
N GLU C 3 -2.52 14.82 -18.77
CA GLU C 3 -3.67 14.84 -19.69
C GLU C 3 -4.99 15.31 -19.06
N ASN C 4 -5.30 14.81 -17.86
CA ASN C 4 -6.57 15.12 -17.18
C ASN C 4 -6.67 16.54 -16.65
N PHE C 5 -5.52 17.17 -16.40
CA PHE C 5 -5.47 18.51 -15.80
C PHE C 5 -5.48 19.65 -16.84
N GLN C 6 -6.23 20.70 -16.53
CA GLN C 6 -6.32 21.89 -17.39
C GLN C 6 -5.91 23.12 -16.58
N LYS C 7 -4.76 23.70 -16.94
CA LYS C 7 -4.27 24.84 -16.18
C LYS C 7 -5.09 26.09 -16.43
N VAL C 8 -5.23 26.91 -15.40
CA VAL C 8 -6.11 28.07 -15.42
C VAL C 8 -5.29 29.35 -15.41
N GLU C 9 -4.36 29.44 -14.46
CA GLU C 9 -3.47 30.58 -14.32
C GLU C 9 -2.24 30.18 -13.50
N LYS C 10 -1.21 31.02 -13.56
CA LYS C 10 -0.02 30.86 -12.74
C LYS C 10 -0.24 31.53 -11.39
N ILE C 11 0.08 30.85 -10.30
CA ILE C 11 -0.09 31.43 -8.98
C ILE C 11 1.17 32.19 -8.52
N GLY C 12 2.32 31.54 -8.66
CA GLY C 12 3.58 32.13 -8.25
C GLY C 12 4.67 31.10 -8.08
N GLU C 13 5.82 31.56 -7.59
CA GLU C 13 7.01 30.75 -7.44
C GLU C 13 7.55 30.85 -6.03
N GLY C 14 7.53 29.74 -5.31
CA GLY C 14 8.00 29.72 -3.95
C GLY C 14 9.47 29.36 -3.89
N THR C 15 9.84 28.59 -2.88
CA THR C 15 11.22 28.17 -2.68
C THR C 15 11.83 27.52 -3.92
N TYR C 16 11.14 26.52 -4.48
CA TYR C 16 11.56 25.90 -5.74
C TYR C 16 10.32 25.67 -6.63
N GLY C 17 10.53 25.58 -7.93
CA GLY C 17 9.47 25.23 -8.87
C GLY C 17 8.49 26.34 -9.20
N VAL C 18 7.36 25.96 -9.79
CA VAL C 18 6.27 26.90 -10.11
C VAL C 18 4.90 26.29 -9.72
N VAL C 19 4.02 27.11 -9.15
CA VAL C 19 2.67 26.67 -8.76
C VAL C 19 1.54 27.30 -9.61
N TYR C 20 0.66 26.45 -10.12
CA TYR C 20 -0.46 26.86 -10.98
C TYR C 20 -1.81 26.48 -10.42
N LYS C 21 -2.83 27.25 -10.79
CA LYS C 21 -4.20 26.85 -10.56
C LYS C 21 -4.65 25.97 -11.71
N ALA C 22 -5.11 24.75 -11.40
CA ALA C 22 -5.54 23.82 -12.44
C ALA C 22 -6.80 23.07 -12.05
N ARG C 23 -7.43 22.43 -13.02
CA ARG C 23 -8.64 21.69 -12.75
C ARG C 23 -8.63 20.32 -13.40
N ASN C 24 -9.10 19.33 -12.66
CA ASN C 24 -9.32 17.99 -13.19
C ASN C 24 -10.53 18.00 -14.11
N LYS C 25 -10.30 17.63 -15.37
CA LYS C 25 -11.36 17.64 -16.38
C LYS C 25 -12.43 16.57 -16.15
N LEU C 26 -12.09 15.53 -15.39
CA LEU C 26 -13.00 14.42 -15.12
C LEU C 26 -13.85 14.64 -13.86
N THR C 27 -13.19 15.05 -12.77
CA THR C 27 -13.86 15.23 -11.49
C THR C 27 -14.36 16.66 -11.22
N GLY C 28 -13.77 17.65 -11.89
CA GLY C 28 -14.11 19.06 -11.68
C GLY C 28 -13.36 19.72 -10.53
N GLU C 29 -12.42 18.98 -9.95
CA GLU C 29 -11.68 19.42 -8.79
C GLU C 29 -10.66 20.47 -9.19
N VAL C 30 -10.59 21.54 -8.39
CA VAL C 30 -9.60 22.59 -8.56
C VAL C 30 -8.43 22.27 -7.63
N VAL C 31 -7.23 22.32 -8.18
CA VAL C 31 -6.01 21.98 -7.44
C VAL C 31 -4.94 23.04 -7.67
N ALA C 32 -3.88 22.98 -6.88
CA ALA C 32 -2.68 23.76 -7.12
C ALA C 32 -1.60 22.78 -7.56
N LEU C 33 -0.85 23.15 -8.60
CA LEU C 33 0.15 22.24 -9.17
C LEU C 33 1.57 22.78 -9.15
N LYS C 34 2.43 22.15 -8.37
CA LYS C 34 3.83 22.51 -8.30
C LYS C 34 4.60 21.74 -9.38
N LYS C 35 5.03 22.46 -10.40
CA LYS C 35 5.77 21.91 -11.54
C LYS C 35 7.26 22.09 -11.27
N ILE C 36 7.99 20.98 -11.12
CA ILE C 36 9.41 20.99 -10.76
C ILE C 36 10.24 20.32 -11.84
N ARG C 37 11.10 21.10 -12.49
CA ARG C 37 11.83 20.58 -13.64
C ARG C 37 13.19 20.00 -13.26
N LEU C 38 13.43 18.78 -13.74
CA LEU C 38 14.73 18.10 -13.68
C LEU C 38 15.32 18.23 -15.09
N ASP C 39 16.63 18.47 -15.27
CA ASP C 39 17.75 18.46 -14.30
C ASP C 39 18.51 17.13 -14.31
N THR C 40 18.23 16.30 -15.31
CA THR C 40 19.00 15.10 -15.60
C THR C 40 20.36 15.55 -16.14
N GLU C 41 21.27 14.61 -16.37
CA GLU C 41 22.62 14.94 -16.85
C GLU C 41 23.45 15.74 -15.85
N THR C 42 22.83 16.28 -14.81
CA THR C 42 23.58 17.01 -13.78
C THR C 42 23.27 16.58 -12.34
N GLU C 43 22.37 17.29 -11.66
CA GLU C 43 22.22 17.11 -10.22
C GLU C 43 21.03 16.25 -9.79
N GLY C 44 20.11 15.98 -10.71
CA GLY C 44 18.95 15.13 -10.45
C GLY C 44 17.87 15.81 -9.65
N VAL C 45 17.14 15.02 -8.86
CA VAL C 45 16.01 15.50 -8.07
C VAL C 45 16.49 16.37 -6.91
N PRO C 46 15.96 17.60 -6.80
CA PRO C 46 16.37 18.53 -5.73
C PRO C 46 16.00 18.05 -4.33
N SER C 47 16.92 18.26 -3.39
CA SER C 47 16.72 17.90 -1.99
C SER C 47 15.47 18.50 -1.35
N THR C 48 15.12 19.73 -1.74
CA THR C 48 13.91 20.41 -1.27
C THR C 48 12.65 19.65 -1.68
N ALA C 49 12.61 19.17 -2.92
CA ALA C 49 11.55 18.28 -3.36
C ALA C 49 11.56 16.98 -2.54
N ILE C 50 12.73 16.40 -2.35
CA ILE C 50 12.87 15.16 -1.58
C ILE C 50 12.40 15.35 -0.13
N ARG C 51 12.67 16.51 0.43
CA ARG C 51 12.26 16.84 1.78
C ARG C 51 10.76 17.10 1.88
N GLU C 52 10.23 17.97 1.04
CA GLU C 52 8.81 18.34 1.07
C GLU C 52 7.89 17.13 0.84
N ILE C 53 8.22 16.31 -0.16
CA ILE C 53 7.40 15.13 -0.46
C ILE C 53 7.49 14.11 0.66
N SER C 54 8.69 13.71 1.04
CA SER C 54 8.84 12.68 2.07
C SER C 54 8.12 13.09 3.35
N LEU C 55 8.21 14.37 3.71
CA LEU C 55 7.63 14.85 4.97
C LEU C 55 6.13 15.07 4.93
N LEU C 56 5.64 15.69 3.87
CA LEU C 56 4.23 16.06 3.75
C LEU C 56 3.31 14.85 3.55
N LYS C 57 3.88 13.73 3.12
CA LYS C 57 3.17 12.45 3.03
C LYS C 57 2.87 11.89 4.42
N GLU C 58 3.73 12.21 5.38
CA GLU C 58 3.55 11.81 6.77
C GLU C 58 2.60 12.76 7.49
N LEU C 59 2.71 14.04 7.19
CA LEU C 59 1.94 15.08 7.88
C LEU C 59 0.49 15.20 7.38
N ASN C 60 -0.43 14.59 8.12
CA ASN C 60 -1.85 14.63 7.82
C ASN C 60 -2.59 15.47 8.86
N HIS C 61 -2.83 16.74 8.54
CA HIS C 61 -3.49 17.64 9.49
C HIS C 61 -4.36 18.67 8.76
N PRO C 62 -5.54 19.01 9.33
CA PRO C 62 -6.42 20.04 8.75
C PRO C 62 -5.79 21.43 8.60
N ASN C 63 -4.66 21.67 9.27
CA ASN C 63 -3.95 22.95 9.15
C ASN C 63 -2.59 22.87 8.45
N ILE C 64 -2.36 21.75 7.78
CA ILE C 64 -1.23 21.63 6.88
C ILE C 64 -1.75 21.32 5.47
N VAL C 65 -1.32 22.11 4.49
CA VAL C 65 -1.67 21.90 3.09
C VAL C 65 -1.52 20.41 2.70
N LYS C 66 -2.58 19.88 2.09
CA LYS C 66 -2.67 18.46 1.80
C LYS C 66 -1.98 18.18 0.48
N LEU C 67 -1.04 17.23 0.49
CA LEU C 67 -0.44 16.73 -0.74
C LEU C 67 -1.22 15.50 -1.18
N LEU C 68 -1.81 15.60 -2.37
CA LEU C 68 -2.70 14.56 -2.91
C LEU C 68 -1.98 13.51 -3.77
N ASP C 69 -1.07 13.95 -4.64
CA ASP C 69 -0.44 13.09 -5.62
C ASP C 69 0.93 13.61 -5.99
N VAL C 70 1.79 12.70 -6.44
CA VAL C 70 3.09 13.05 -6.97
C VAL C 70 3.15 12.40 -8.33
N ILE C 71 3.40 13.18 -9.37
CA ILE C 71 3.47 12.63 -10.73
C ILE C 71 4.87 12.81 -11.29
N HIS C 72 5.40 11.72 -11.81
CA HIS C 72 6.83 11.52 -11.93
C HIS C 72 7.17 11.18 -13.38
N THR C 73 7.47 12.19 -14.18
CA THR C 73 7.85 11.97 -15.58
C THR C 73 9.37 11.73 -15.66
N GLU C 74 9.91 11.58 -16.87
CA GLU C 74 11.35 11.36 -17.04
C GLU C 74 12.16 12.60 -16.63
N ASN C 75 11.65 13.79 -16.98
CA ASN C 75 12.30 15.05 -16.61
C ASN C 75 11.43 16.13 -15.93
N LYS C 76 10.14 15.87 -15.75
CA LYS C 76 9.29 16.73 -14.92
C LYS C 76 8.82 16.03 -13.65
N LEU C 77 8.57 16.83 -12.61
CA LEU C 77 7.97 16.34 -11.39
C LEU C 77 6.84 17.27 -10.98
N TYR C 78 5.65 16.70 -10.85
CA TYR C 78 4.48 17.47 -10.51
C TYR C 78 3.96 17.11 -9.14
N LEU C 79 3.83 18.10 -8.27
CA LEU C 79 3.16 17.89 -7.01
C LEU C 79 1.72 18.39 -7.15
N VAL C 80 0.77 17.55 -6.72
CA VAL C 80 -0.64 17.87 -6.74
C VAL C 80 -1.11 18.12 -5.32
N PHE C 81 -1.47 19.38 -5.06
CA PHE C 81 -1.92 19.85 -3.74
C PHE C 81 -3.42 20.22 -3.75
N GLU C 82 -4.04 20.22 -2.58
CA GLU C 82 -5.35 20.86 -2.43
C GLU C 82 -5.22 22.37 -2.70
N PHE C 83 -6.20 22.92 -3.41
CA PHE C 83 -6.17 24.31 -3.77
C PHE C 83 -6.81 25.16 -2.69
N LEU C 84 -6.10 26.19 -2.24
CA LEU C 84 -6.68 27.18 -1.36
C LEU C 84 -6.80 28.53 -2.07
N HIS C 85 -7.70 29.37 -1.58
CA HIS C 85 -8.25 30.48 -2.35
C HIS C 85 -7.37 31.74 -2.38
N GLN C 86 -6.71 32.03 -1.26
CA GLN C 86 -5.65 33.05 -1.24
C GLN C 86 -4.65 32.88 -0.09
N ASP C 87 -3.61 33.70 -0.10
CA ASP C 87 -2.61 33.68 0.97
C ASP C 87 -2.86 34.78 1.97
N LEU C 88 -2.31 34.62 3.17
CA LEU C 88 -2.52 35.56 4.27
C LEU C 88 -2.13 36.99 3.90
N LYS C 89 -1.04 37.12 3.13
CA LYS C 89 -0.55 38.44 2.70
C LYS C 89 -1.52 39.19 1.78
N LYS C 90 -2.30 38.49 0.97
CA LYS C 90 -3.29 39.19 0.16
C LYS C 90 -4.45 39.70 1.04
N PHE C 91 -4.96 38.81 1.88
CA PHE C 91 -6.03 39.10 2.83
C PHE C 91 -5.70 40.30 3.67
N MET C 92 -4.48 40.31 4.21
CA MET C 92 -4.00 41.43 5.00
C MET C 92 -4.04 42.73 4.22
N ASP C 93 -3.53 42.71 2.99
CA ASP C 93 -3.53 43.90 2.17
C ASP C 93 -4.95 44.36 1.89
N ALA C 94 -5.82 43.43 1.53
CA ALA C 94 -7.23 43.74 1.32
C ALA C 94 -7.88 44.36 2.56
N SER C 95 -7.21 44.21 3.71
CA SER C 95 -7.68 44.75 4.98
C SER C 95 -6.97 46.03 5.45
N ALA C 96 -5.91 46.42 4.74
CA ALA C 96 -5.06 47.56 5.15
C ALA C 96 -5.84 48.74 5.73
N LEU C 97 -7.02 49.01 5.16
CA LEU C 97 -7.88 50.09 5.62
C LEU C 97 -9.02 49.61 6.53
N THR C 98 -9.70 48.53 6.14
CA THR C 98 -10.83 48.01 6.92
C THR C 98 -10.39 47.42 8.26
N GLY C 99 -9.23 46.78 8.28
CA GLY C 99 -8.75 46.06 9.46
C GLY C 99 -9.28 44.64 9.47
N ILE C 100 -8.61 43.78 10.22
CA ILE C 100 -9.06 42.39 10.39
C ILE C 100 -9.70 42.25 11.77
N PRO C 101 -10.93 41.71 11.83
CA PRO C 101 -11.62 41.55 13.12
C PRO C 101 -10.83 40.63 14.07
N LEU C 102 -10.86 40.94 15.36
CA LEU C 102 -10.06 40.23 16.35
C LEU C 102 -10.38 38.72 16.46
N PRO C 103 -11.68 38.34 16.49
CA PRO C 103 -12.01 36.90 16.56
C PRO C 103 -11.44 36.09 15.40
N LEU C 104 -11.21 36.74 14.27
CA LEU C 104 -10.59 36.10 13.13
C LEU C 104 -9.09 35.92 13.34
N ILE C 105 -8.44 36.95 13.90
CA ILE C 105 -7.02 36.87 14.23
C ILE C 105 -6.77 35.70 15.19
N LYS C 106 -7.53 35.68 16.30
CA LYS C 106 -7.51 34.62 17.29
C LYS C 106 -7.68 33.25 16.62
N SER C 107 -8.70 33.13 15.78
CA SER C 107 -8.96 31.89 15.05
C SER C 107 -7.75 31.47 14.21
N TYR C 108 -7.29 32.36 13.33
CA TYR C 108 -6.15 32.06 12.47
C TYR C 108 -4.92 31.67 13.29
N LEU C 109 -4.67 32.41 14.37
CA LEU C 109 -3.51 32.15 15.21
C LEU C 109 -3.62 30.80 15.90
N PHE C 110 -4.81 30.50 16.40
CA PHE C 110 -5.10 29.21 17.03
C PHE C 110 -4.76 28.07 16.09
N GLN C 111 -5.15 28.22 14.83
CA GLN C 111 -5.00 27.17 13.85
C GLN C 111 -3.55 26.94 13.46
N LEU C 112 -2.80 28.02 13.25
CA LEU C 112 -1.40 27.92 12.85
C LEU C 112 -0.60 27.27 13.95
N LEU C 113 -1.02 27.50 15.20
CA LEU C 113 -0.37 26.87 16.36
C LEU C 113 -0.66 25.38 16.41
N GLN C 114 -1.89 25.00 16.05
CA GLN C 114 -2.27 23.58 15.99
C GLN C 114 -1.45 22.84 14.94
N GLY C 115 -1.36 23.42 13.76
CA GLY C 115 -0.59 22.84 12.66
C GLY C 115 0.89 22.75 12.97
N LEU C 116 1.40 23.77 13.65
CA LEU C 116 2.83 23.82 13.99
C LEU C 116 3.18 22.81 15.06
N ALA C 117 2.34 22.70 16.08
CA ALA C 117 2.55 21.72 17.13
C ALA C 117 2.61 20.32 16.52
N PHE C 118 1.76 20.08 15.51
CA PHE C 118 1.76 18.81 14.80
C PHE C 118 3.09 18.61 14.07
N CYS C 119 3.58 19.66 13.42
CA CYS C 119 4.88 19.62 12.78
C CYS C 119 5.95 19.22 13.79
N HIS C 120 6.05 20.00 14.87
CA HIS C 120 7.03 19.74 15.93
C HIS C 120 6.88 18.38 16.62
N SER C 121 5.63 17.91 16.78
CA SER C 121 5.33 16.57 17.35
C SER C 121 5.94 15.43 16.53
N HIS C 122 6.06 15.65 15.23
CA HIS C 122 6.53 14.64 14.30
C HIS C 122 7.94 15.00 13.81
N ARG C 123 8.68 15.71 14.67
CA ARG C 123 10.06 16.14 14.41
C ARG C 123 10.34 16.87 13.07
N VAL C 124 9.45 17.78 12.70
CA VAL C 124 9.65 18.60 11.50
C VAL C 124 9.70 20.10 11.86
N LEU C 125 10.71 20.81 11.37
CA LEU C 125 10.73 22.27 11.44
C LEU C 125 10.23 22.81 10.11
N HIS C 126 9.47 23.90 10.12
CA HIS C 126 9.03 24.48 8.86
C HIS C 126 10.15 25.35 8.28
N ARG C 127 10.70 26.21 9.13
CA ARG C 127 11.84 27.10 8.83
C ARG C 127 11.58 28.20 7.80
N ASP C 128 10.32 28.50 7.50
CA ASP C 128 9.99 29.58 6.56
C ASP C 128 8.54 30.05 6.69
N LEU C 129 8.11 30.33 7.91
CA LEU C 129 6.76 30.83 8.13
C LEU C 129 6.72 32.32 7.81
N LYS C 130 5.90 32.66 6.82
CA LYS C 130 5.58 34.03 6.48
C LYS C 130 4.17 34.06 5.89
N PRO C 131 3.56 35.26 5.81
CA PRO C 131 2.17 35.32 5.33
C PRO C 131 2.00 34.72 3.94
N GLN C 132 3.03 34.85 3.09
CA GLN C 132 3.00 34.34 1.73
C GLN C 132 2.92 32.81 1.68
N ASN C 133 3.32 32.16 2.77
CA ASN C 133 3.30 30.72 2.87
C ASN C 133 2.14 30.17 3.69
N LEU C 134 1.24 31.07 4.10
CA LEU C 134 0.05 30.68 4.86
C LEU C 134 -1.16 30.92 4.01
N LEU C 135 -1.95 29.85 3.82
CA LEU C 135 -3.05 29.84 2.85
C LEU C 135 -4.40 29.75 3.52
N ILE C 136 -5.35 30.58 3.06
CA ILE C 136 -6.69 30.61 3.66
C ILE C 136 -7.79 30.18 2.69
N ASN C 137 -8.84 29.57 3.24
CA ASN C 137 -10.05 29.28 2.46
C ASN C 137 -11.20 30.23 2.79
N THR C 138 -12.30 30.07 2.05
CA THR C 138 -13.50 30.90 2.23
C THR C 138 -14.35 30.48 3.43
N GLU C 139 -14.12 29.26 3.92
CA GLU C 139 -14.89 28.70 5.04
C GLU C 139 -14.35 29.07 6.44
N GLY C 140 -13.15 29.66 6.52
CA GLY C 140 -12.58 30.11 7.80
C GLY C 140 -11.26 29.49 8.24
N ALA C 141 -10.77 28.52 7.46
CA ALA C 141 -9.56 27.78 7.79
C ALA C 141 -8.32 28.50 7.28
N ILE C 142 -7.16 28.18 7.87
CA ILE C 142 -5.85 28.65 7.42
C ILE C 142 -4.86 27.49 7.56
N LYS C 143 -3.89 27.41 6.65
CA LYS C 143 -2.99 26.26 6.60
C LYS C 143 -1.54 26.66 6.32
N LEU C 144 -0.61 25.82 6.78
CA LEU C 144 0.81 26.01 6.53
C LEU C 144 1.14 25.46 5.16
N ALA C 145 1.92 26.21 4.39
CA ALA C 145 2.31 25.78 3.05
C ALA C 145 3.78 26.11 2.74
N ASP C 146 4.16 25.95 1.47
CA ASP C 146 5.57 25.86 1.04
C ASP C 146 6.49 25.20 2.08
N PHE C 147 6.51 23.88 2.06
CA PHE C 147 7.41 23.09 2.88
C PHE C 147 8.81 22.90 2.25
N GLY C 148 9.16 23.78 1.32
CA GLY C 148 10.42 23.69 0.58
C GLY C 148 11.69 23.77 1.42
N LEU C 149 11.64 24.52 2.51
CA LEU C 149 12.80 24.72 3.38
C LEU C 149 12.70 23.90 4.66
N ALA C 150 11.71 23.00 4.72
CA ALA C 150 11.47 22.15 5.89
C ALA C 150 12.51 21.06 6.05
N ARG C 151 12.72 20.63 7.29
CA ARG C 151 13.74 19.63 7.63
C ARG C 151 13.25 18.71 8.77
N ALA C 152 13.57 17.43 8.65
CA ALA C 152 13.30 16.46 9.69
C ALA C 152 14.47 16.48 10.67
N PHE C 153 14.20 16.87 11.91
CA PHE C 153 15.28 16.98 12.90
C PHE C 153 15.46 15.75 13.80
N GLY C 154 16.47 15.80 14.66
CA GLY C 154 16.73 14.76 15.67
C GLY C 154 16.73 15.33 17.07
N VAL C 155 16.72 14.45 18.07
CA VAL C 155 16.66 14.84 19.49
C VAL C 155 17.90 14.30 20.24
N PRO C 156 18.87 15.18 20.53
CA PRO C 156 18.87 16.63 20.37
C PRO C 156 19.25 17.09 18.97
N VAL C 157 18.93 18.35 18.66
CA VAL C 157 19.22 18.93 17.35
C VAL C 157 20.72 18.96 17.10
N ARG C 158 21.09 19.22 15.86
CA ARG C 158 22.48 19.50 15.50
C ARG C 158 22.52 20.91 14.89
N THR C 159 23.72 21.33 14.50
CA THR C 159 23.85 22.42 13.56
C THR C 159 23.12 22.02 12.28
N TYR C 160 22.19 22.88 11.84
CA TYR C 160 21.53 22.73 10.55
C TYR C 160 21.86 23.91 9.63
N TPO C 161 21.16 24.04 8.51
CA TPO C 161 21.44 25.10 7.52
CB TPO C 161 20.65 24.86 6.22
CG2 TPO C 161 20.97 25.88 5.13
OG1 TPO C 161 20.90 23.56 5.72
P TPO C 161 19.76 22.43 5.77
O1P TPO C 161 20.34 21.31 4.95
O2P TPO C 161 19.63 22.13 7.23
O3P TPO C 161 18.53 23.05 5.14
C TPO C 161 21.15 26.48 8.05
O TPO C 161 20.03 26.74 8.53
N HIS C 162 22.12 27.38 7.96
CA HIS C 162 21.98 28.76 8.43
C HIS C 162 21.06 29.63 7.55
N GLU C 163 21.28 29.64 6.24
CA GLU C 163 20.46 30.43 5.32
C GLU C 163 19.04 29.89 5.25
N VAL C 164 18.22 30.32 6.20
CA VAL C 164 16.89 29.78 6.34
C VAL C 164 16.00 30.81 7.04
N VAL C 165 14.72 30.87 6.65
CA VAL C 165 13.75 31.88 7.11
C VAL C 165 13.99 33.25 6.46
N THR C 166 12.94 33.81 5.87
CA THR C 166 12.94 35.19 5.35
C THR C 166 13.35 36.19 6.43
N LEU C 167 14.19 37.16 6.05
CA LEU C 167 14.81 38.10 6.99
C LEU C 167 13.89 38.64 8.09
N TRP C 168 12.74 39.18 7.68
CA TRP C 168 11.81 39.85 8.59
C TRP C 168 11.28 38.92 9.67
N TYR C 169 11.32 37.62 9.39
CA TYR C 169 10.69 36.62 10.24
C TYR C 169 11.73 35.76 10.95
N ARG C 170 12.99 36.18 10.87
CA ARG C 170 14.11 35.41 11.41
C ARG C 170 14.36 35.68 12.90
N ALA C 171 14.31 34.62 13.70
CA ALA C 171 14.59 34.68 15.14
C ALA C 171 16.07 35.02 15.40
N PRO C 172 16.35 35.71 16.51
CA PRO C 172 17.70 36.20 16.83
C PRO C 172 18.80 35.14 16.82
N GLU C 173 18.49 33.92 17.29
CA GLU C 173 19.48 32.84 17.38
C GLU C 173 20.07 32.45 16.01
N ILE C 174 19.25 32.55 14.96
CA ILE C 174 19.72 32.40 13.59
C ILE C 174 20.54 33.64 13.21
N LEU C 175 20.00 34.82 13.50
CA LEU C 175 20.67 36.07 13.14
C LEU C 175 22.07 36.18 13.69
N LEU C 176 22.23 35.86 14.98
CA LEU C 176 23.54 35.95 15.63
C LEU C 176 24.43 34.72 15.35
N GLY C 177 23.88 33.79 14.57
CA GLY C 177 24.65 32.64 14.08
C GLY C 177 25.03 31.63 15.13
N CYS C 178 24.16 31.44 16.13
CA CYS C 178 24.32 30.41 17.17
C CYS C 178 24.44 29.03 16.53
N LYS C 179 25.33 28.20 17.09
CA LYS C 179 25.62 26.89 16.46
C LYS C 179 24.40 25.98 16.38
N TYR C 180 23.54 26.03 17.41
CA TYR C 180 22.31 25.25 17.45
C TYR C 180 21.07 26.14 17.38
N TYR C 181 20.01 25.66 16.71
CA TYR C 181 18.67 26.25 16.81
C TYR C 181 17.63 25.14 16.65
N SER C 182 16.40 25.40 17.09
CA SER C 182 15.40 24.35 17.24
C SER C 182 13.99 24.84 16.91
N THR C 183 12.99 24.19 17.50
CA THR C 183 11.57 24.51 17.30
C THR C 183 11.22 25.98 17.56
N ALA C 184 11.93 26.59 18.49
CA ALA C 184 11.70 27.96 18.90
C ALA C 184 11.69 28.96 17.71
N VAL C 185 12.45 28.64 16.66
CA VAL C 185 12.55 29.51 15.48
C VAL C 185 11.23 29.61 14.72
N ASP C 186 10.39 28.58 14.79
CA ASP C 186 9.08 28.67 14.14
C ASP C 186 8.08 29.51 14.97
N ILE C 187 8.17 29.41 16.29
CA ILE C 187 7.33 30.20 17.18
C ILE C 187 7.58 31.68 16.92
N TRP C 188 8.84 32.11 16.97
CA TRP C 188 9.20 33.50 16.68
C TRP C 188 8.47 34.00 15.45
N SER C 189 8.62 33.27 14.35
CA SER C 189 7.93 33.57 13.10
C SER C 189 6.45 33.80 13.32
N LEU C 190 5.78 32.85 13.96
CA LEU C 190 4.35 33.02 14.22
C LEU C 190 4.07 34.22 15.12
N GLY C 191 5.02 34.54 15.98
CA GLY C 191 4.94 35.74 16.81
C GLY C 191 4.91 36.97 15.94
N CYS C 192 5.88 37.08 15.03
CA CYS C 192 5.95 38.14 14.06
C CYS C 192 4.67 38.23 13.25
N ILE C 193 4.17 37.07 12.81
CA ILE C 193 2.93 37.00 12.03
C ILE C 193 1.70 37.44 12.84
N PHE C 194 1.67 37.07 14.12
CA PHE C 194 0.61 37.49 15.03
C PHE C 194 0.48 39.02 15.07
N ALA C 195 1.57 39.68 15.42
CA ALA C 195 1.59 41.14 15.49
C ALA C 195 1.22 41.79 14.15
N GLU C 196 1.63 41.16 13.06
CA GLU C 196 1.34 41.63 11.72
C GLU C 196 -0.15 41.53 11.36
N MET C 197 -0.83 40.49 11.84
CA MET C 197 -2.26 40.35 11.58
C MET C 197 -3.07 41.48 12.22
N VAL C 198 -2.60 41.99 13.37
CA VAL C 198 -3.30 43.07 14.06
C VAL C 198 -3.06 44.44 13.43
N THR C 199 -1.81 44.73 13.08
CA THR C 199 -1.44 46.05 12.55
C THR C 199 -1.49 46.12 11.03
N ARG C 200 -1.47 44.95 10.39
CA ARG C 200 -1.42 44.84 8.92
C ARG C 200 -0.10 45.36 8.34
N ARG C 201 0.86 45.67 9.20
CA ARG C 201 2.23 46.01 8.81
C ARG C 201 3.21 45.00 9.43
N ALA C 202 4.30 44.73 8.72
CA ALA C 202 5.35 43.85 9.23
C ALA C 202 5.97 44.47 10.48
N LEU C 203 6.20 43.63 11.49
CA LEU C 203 6.73 44.07 12.77
C LEU C 203 8.19 44.49 12.70
N PHE C 204 9.02 43.63 12.08
CA PHE C 204 10.46 43.90 11.96
C PHE C 204 10.94 43.92 10.49
N PRO C 205 10.55 44.95 9.72
CA PRO C 205 10.96 44.97 8.32
C PRO C 205 12.36 45.54 8.06
N GLY C 206 13.40 44.79 8.40
CA GLY C 206 14.78 45.24 8.17
C GLY C 206 15.29 45.18 6.73
N ASP C 207 16.24 46.08 6.41
CA ASP C 207 16.84 46.18 5.07
C ASP C 207 18.18 45.45 4.99
N SER C 208 18.74 45.13 6.16
CA SER C 208 19.96 44.32 6.29
C SER C 208 19.92 43.55 7.60
N GLU C 209 20.91 42.69 7.81
CA GLU C 209 20.99 41.89 9.03
C GLU C 209 21.25 42.74 10.27
N ILE C 210 22.04 43.79 10.12
CA ILE C 210 22.31 44.71 11.23
C ILE C 210 21.06 45.49 11.62
N ASP C 211 20.37 46.03 10.63
CA ASP C 211 19.15 46.78 10.85
C ASP C 211 18.07 45.90 11.46
N GLN C 212 18.03 44.64 11.02
CA GLN C 212 17.09 43.68 11.57
C GLN C 212 17.24 43.55 13.09
N LEU C 213 18.48 43.31 13.54
CA LEU C 213 18.78 43.16 14.97
C LEU C 213 18.47 44.41 15.79
N PHE C 214 18.70 45.59 15.19
CA PHE C 214 18.47 46.87 15.85
C PHE C 214 16.98 47.11 16.10
N ARG C 215 16.15 46.74 15.12
CA ARG C 215 14.71 46.91 15.23
C ARG C 215 14.14 45.99 16.30
N ILE C 216 14.79 44.86 16.50
CA ILE C 216 14.38 43.89 17.52
C ILE C 216 14.76 44.40 18.93
N PHE C 217 15.99 44.86 19.10
CA PHE C 217 16.46 45.39 20.39
C PHE C 217 15.68 46.63 20.80
N ARG C 218 15.29 47.40 19.80
CA ARG C 218 14.50 48.61 19.95
C ARG C 218 13.17 48.34 20.68
N THR C 219 12.48 47.29 20.25
CA THR C 219 11.12 46.96 20.68
C THR C 219 11.09 46.16 21.98
N LEU C 220 12.12 45.36 22.22
CA LEU C 220 12.11 44.44 23.36
C LEU C 220 13.14 44.79 24.44
N GLY C 221 14.40 44.99 24.03
CA GLY C 221 15.49 45.23 24.97
C GLY C 221 16.75 44.45 24.59
N THR C 222 17.66 44.28 25.54
CA THR C 222 18.93 43.58 25.29
C THR C 222 18.99 42.20 25.98
N PRO C 223 19.39 41.14 25.22
CA PRO C 223 19.44 39.77 25.75
C PRO C 223 20.77 39.34 26.39
N ASP C 224 21.59 40.32 26.80
CA ASP C 224 22.89 40.04 27.41
C ASP C 224 22.74 39.59 28.87
N PHE C 249 4.46 47.27 26.96
CA PHE C 249 4.27 46.63 25.65
C PHE C 249 3.08 47.19 24.87
N SER C 250 2.36 48.14 25.47
CA SER C 250 1.21 48.78 24.80
C SER C 250 1.67 49.75 23.72
N LYS C 251 2.98 49.81 23.52
CA LYS C 251 3.61 50.52 22.41
C LYS C 251 3.75 49.60 21.19
N VAL C 252 4.00 48.32 21.46
CA VAL C 252 4.30 47.30 20.43
C VAL C 252 3.09 47.07 19.51
N VAL C 253 1.97 46.64 20.10
CA VAL C 253 0.72 46.48 19.37
C VAL C 253 -0.40 47.12 20.19
N PRO C 254 -0.70 48.41 19.91
CA PRO C 254 -1.75 49.15 20.64
C PRO C 254 -3.16 48.52 20.68
N PRO C 255 -3.69 48.02 19.52
CA PRO C 255 -5.08 47.55 19.52
C PRO C 255 -5.35 46.22 20.22
N LEU C 256 -4.32 45.60 20.79
CA LEU C 256 -4.44 44.27 21.37
C LEU C 256 -4.68 44.29 22.87
N ASP C 257 -5.52 43.36 23.33
CA ASP C 257 -5.89 43.23 24.75
C ASP C 257 -4.73 42.72 25.63
N GLU C 258 -4.99 42.57 26.93
CA GLU C 258 -3.98 42.12 27.89
C GLU C 258 -3.52 40.68 27.65
N ASP C 259 -4.47 39.78 27.43
CA ASP C 259 -4.17 38.38 27.15
C ASP C 259 -3.29 38.25 25.91
N GLY C 260 -3.61 39.06 24.89
CA GLY C 260 -2.85 39.09 23.65
C GLY C 260 -1.40 39.48 23.84
N ARG C 261 -1.15 40.53 24.62
CA ARG C 261 0.21 41.00 24.85
C ARG C 261 1.06 39.95 25.55
N SER C 262 0.49 39.33 26.56
CA SER C 262 1.13 38.23 27.29
C SER C 262 1.66 37.14 26.36
N LEU C 263 0.78 36.62 25.50
CA LEU C 263 1.14 35.54 24.58
C LEU C 263 2.19 35.98 23.57
N LEU C 264 2.07 37.21 23.07
CA LEU C 264 2.97 37.74 22.06
C LEU C 264 4.43 37.83 22.53
N SER C 265 4.64 38.34 23.74
CA SER C 265 5.99 38.49 24.29
C SER C 265 6.60 37.17 24.74
N GLN C 266 5.74 36.20 25.04
CA GLN C 266 6.19 34.82 25.27
C GLN C 266 6.58 34.15 23.96
N MET C 267 5.93 34.56 22.87
CA MET C 267 6.28 34.11 21.52
C MET C 267 7.52 34.83 21.00
N LEU C 268 7.77 36.04 21.52
CA LEU C 268 8.93 36.83 21.12
C LEU C 268 9.94 36.99 22.26
N HIS C 269 10.23 35.90 22.95
CA HIS C 269 11.27 35.89 23.97
C HIS C 269 12.63 35.76 23.31
N TYR C 270 13.61 36.49 23.83
CA TYR C 270 14.97 36.43 23.33
C TYR C 270 15.60 35.07 23.50
N ASP C 271 15.36 34.45 24.65
CA ASP C 271 15.94 33.16 24.99
C ASP C 271 15.05 32.02 24.47
N PRO C 272 15.56 31.26 23.47
CA PRO C 272 14.83 30.15 22.85
C PRO C 272 14.46 29.06 23.83
N ASN C 273 15.19 28.97 24.93
CA ASN C 273 14.84 28.05 25.99
C ASN C 273 13.59 28.52 26.73
N LYS C 274 13.44 29.84 26.86
CA LYS C 274 12.34 30.42 27.63
C LYS C 274 11.11 30.66 26.77
N ARG C 275 11.32 30.82 25.46
CA ARG C 275 10.23 31.05 24.52
C ARG C 275 9.19 29.96 24.64
N ILE C 276 7.93 30.32 24.41
CA ILE C 276 6.82 29.38 24.48
C ILE C 276 6.87 28.35 23.34
N SER C 277 6.44 27.13 23.65
CA SER C 277 6.28 26.06 22.67
C SER C 277 4.90 26.20 22.04
N ALA C 278 4.69 25.58 20.89
CA ALA C 278 3.38 25.61 20.26
C ALA C 278 2.33 24.93 21.14
N LYS C 279 2.71 23.82 21.76
CA LYS C 279 1.82 23.08 22.64
C LYS C 279 1.26 23.96 23.76
N ALA C 280 2.15 24.67 24.43
CA ALA C 280 1.78 25.51 25.56
C ALA C 280 0.91 26.69 25.12
N ALA C 281 1.31 27.30 24.00
CA ALA C 281 0.60 28.43 23.40
C ALA C 281 -0.88 28.15 23.15
N LEU C 282 -1.17 26.91 22.78
CA LEU C 282 -2.55 26.46 22.59
C LEU C 282 -3.41 26.49 23.87
N ALA C 283 -2.76 26.46 25.04
CA ALA C 283 -3.46 26.42 26.32
C ALA C 283 -3.57 27.80 26.99
N HIS C 284 -2.93 28.80 26.39
CA HIS C 284 -2.94 30.18 26.88
C HIS C 284 -4.37 30.75 27.01
N PRO C 285 -4.64 31.55 28.06
CA PRO C 285 -5.96 32.17 28.27
C PRO C 285 -6.46 33.07 27.13
N PHE C 286 -5.58 33.49 26.23
CA PHE C 286 -5.98 34.27 25.07
C PHE C 286 -6.98 33.47 24.23
N PHE C 287 -6.91 32.14 24.35
CA PHE C 287 -7.68 31.23 23.49
C PHE C 287 -8.84 30.52 24.18
N GLN C 288 -9.33 31.07 25.30
CA GLN C 288 -10.40 30.43 26.06
C GLN C 288 -11.76 30.50 25.37
N ASP C 289 -11.94 31.54 24.56
CA ASP C 289 -13.23 31.84 23.91
C ASP C 289 -13.18 31.70 22.40
N VAL C 290 -12.09 31.11 21.89
CA VAL C 290 -11.83 30.99 20.47
C VAL C 290 -13.04 30.50 19.65
N THR C 291 -13.32 31.20 18.57
CA THR C 291 -14.35 30.80 17.61
C THR C 291 -13.67 30.47 16.28
N LYS C 292 -14.46 30.26 15.23
CA LYS C 292 -13.95 30.08 13.87
C LYS C 292 -14.79 30.88 12.87
N PRO C 293 -14.53 32.20 12.77
CA PRO C 293 -15.30 33.08 11.88
C PRO C 293 -14.98 32.89 10.40
N VAL C 294 -15.90 33.37 9.55
CA VAL C 294 -15.75 33.35 8.10
C VAL C 294 -15.11 34.65 7.61
N PRO C 295 -14.11 34.56 6.72
CA PRO C 295 -13.47 35.75 6.13
C PRO C 295 -14.48 36.64 5.44
N HIS C 296 -14.30 37.95 5.62
CA HIS C 296 -15.27 38.95 5.14
C HIS C 296 -14.96 39.44 3.72
N LEU C 297 -13.79 39.09 3.21
CA LEU C 297 -13.35 39.57 1.91
C LEU C 297 -13.42 38.50 0.81
N ARG C 298 -13.95 38.90 -0.34
CA ARG C 298 -13.99 38.07 -1.54
C ARG C 298 -12.64 38.02 -2.26
N LEU C 299 -12.52 37.09 -3.21
CA LEU C 299 -11.27 36.87 -3.93
C LEU C 299 -11.30 37.51 -5.32
N GLY D 1 18.69 22.60 25.98
CA GLY D 1 17.41 23.04 26.62
C GLY D 1 16.23 22.84 25.68
N VAL D 2 15.95 23.87 24.87
CA VAL D 2 14.97 23.73 23.80
C VAL D 2 15.58 22.88 22.68
N ASN D 3 16.92 22.82 22.67
CA ASN D 3 17.66 21.97 21.76
C ASN D 3 17.48 20.47 22.06
N GLU D 4 17.05 20.18 23.29
CA GLU D 4 16.69 18.82 23.72
C GLU D 4 15.17 18.61 23.63
N VAL D 5 14.47 19.60 23.08
CA VAL D 5 13.01 19.57 22.87
C VAL D 5 12.25 18.90 24.01
N PRO D 6 11.93 19.67 25.08
CA PRO D 6 11.26 19.09 26.24
C PRO D 6 9.77 18.81 26.01
N ASP D 7 9.06 19.74 25.37
CA ASP D 7 7.61 19.60 25.18
C ASP D 7 7.20 18.53 24.14
N TYR D 8 8.15 18.06 23.32
CA TYR D 8 7.80 17.18 22.21
C TYR D 8 8.52 15.83 22.18
N HIS D 9 9.62 15.70 22.91
CA HIS D 9 10.48 14.51 22.79
C HIS D 9 9.76 13.18 23.01
N GLU D 10 8.77 13.17 23.89
CA GLU D 10 7.96 11.97 24.14
C GLU D 10 7.05 11.64 22.96
N ASP D 11 6.41 12.67 22.39
CA ASP D 11 5.63 12.53 21.16
C ASP D 11 6.49 12.07 19.98
N ILE D 12 7.67 12.66 19.86
CA ILE D 12 8.64 12.30 18.81
C ILE D 12 9.04 10.83 18.96
N HIS D 13 9.44 10.45 20.18
CA HIS D 13 9.85 9.08 20.47
C HIS D 13 8.79 8.05 20.06
N THR D 14 7.55 8.26 20.50
CA THR D 14 6.45 7.36 20.13
C THR D 14 6.29 7.20 18.61
N TYR D 15 6.41 8.31 17.89
CA TYR D 15 6.26 8.34 16.43
C TYR D 15 7.39 7.59 15.71
N LEU D 16 8.63 7.79 16.15
CA LEU D 16 9.74 6.97 15.65
C LEU D 16 9.55 5.49 15.96
N ARG D 17 9.00 5.18 17.14
CA ARG D 17 8.66 3.79 17.50
C ARG D 17 7.57 3.24 16.58
N GLU D 18 6.67 4.14 16.20
CA GLU D 18 5.58 3.88 15.27
C GLU D 18 6.09 3.67 13.86
N MET D 19 7.04 4.51 13.44
CA MET D 19 7.53 4.52 12.05
C MET D 19 8.60 3.48 11.70
N GLU D 20 9.32 2.99 12.70
CA GLU D 20 10.37 1.98 12.47
C GLU D 20 9.78 0.64 12.08
N VAL D 21 8.59 0.33 12.58
CA VAL D 21 7.83 -0.82 12.09
C VAL D 21 7.46 -0.64 10.59
N LYS D 22 6.94 0.52 10.22
CA LYS D 22 6.45 0.76 8.85
C LYS D 22 7.56 0.84 7.81
N CYS D 23 8.71 1.37 8.20
CA CYS D 23 9.87 1.49 7.31
C CYS D 23 10.85 0.31 7.46
N LYS D 24 10.35 -0.85 7.86
CA LYS D 24 11.20 -2.04 8.05
C LYS D 24 11.28 -2.89 6.78
N PRO D 25 12.51 -3.29 6.39
CA PRO D 25 12.68 -4.18 5.24
C PRO D 25 12.11 -5.58 5.47
N LYS D 26 11.98 -6.33 4.38
CA LYS D 26 11.59 -7.73 4.41
C LYS D 26 12.65 -8.54 5.17
N VAL D 27 12.24 -9.16 6.29
CA VAL D 27 13.13 -9.92 7.17
C VAL D 27 14.11 -10.84 6.44
N GLY D 28 13.60 -11.77 5.65
CA GLY D 28 14.47 -12.75 5.01
C GLY D 28 14.67 -12.59 3.52
N TYR D 29 14.71 -11.33 3.06
CA TYR D 29 14.69 -11.00 1.63
C TYR D 29 15.84 -11.54 0.78
N MET D 30 16.99 -11.82 1.38
CA MET D 30 18.17 -12.21 0.61
C MET D 30 18.04 -13.60 -0.04
N LYS D 31 17.30 -14.48 0.62
CA LYS D 31 16.98 -15.80 0.08
C LYS D 31 16.27 -15.67 -1.27
N LYS D 32 15.59 -14.55 -1.47
CA LYS D 32 14.76 -14.33 -2.67
C LYS D 32 15.49 -13.55 -3.77
N GLN D 33 16.67 -13.03 -3.46
CA GLN D 33 17.57 -12.46 -4.46
C GLN D 33 18.40 -13.61 -5.03
N PRO D 34 18.21 -13.93 -6.32
CA PRO D 34 18.88 -15.08 -6.93
C PRO D 34 20.38 -14.85 -7.22
N ASP D 35 20.84 -13.61 -7.10
CA ASP D 35 22.19 -13.28 -7.58
C ASP D 35 23.06 -12.52 -6.56
N ILE D 36 22.49 -12.07 -5.46
CA ILE D 36 23.27 -11.41 -4.42
C ILE D 36 23.10 -12.03 -3.03
N THR D 37 24.11 -11.86 -2.18
CA THR D 37 24.18 -12.57 -0.90
C THR D 37 24.36 -11.63 0.28
N ASN D 38 24.26 -12.17 1.49
CA ASN D 38 24.62 -11.42 2.69
C ASN D 38 26.09 -11.02 2.66
N SER D 39 26.91 -11.86 2.02
CA SER D 39 28.33 -11.61 1.85
C SER D 39 28.63 -10.39 0.96
N MET D 40 27.84 -10.21 -0.09
CA MET D 40 28.01 -9.09 -1.00
C MET D 40 27.45 -7.81 -0.39
N ARG D 41 26.33 -7.95 0.32
CA ARG D 41 25.72 -6.81 1.00
C ARG D 41 26.70 -6.24 2.00
N ALA D 42 27.48 -7.13 2.63
CA ALA D 42 28.50 -6.76 3.62
C ALA D 42 29.63 -5.95 3.00
N ILE D 43 30.08 -6.40 1.83
CA ILE D 43 31.08 -5.67 1.05
C ILE D 43 30.61 -4.26 0.76
N LEU D 44 29.35 -4.14 0.39
CA LEU D 44 28.74 -2.87 0.02
C LEU D 44 28.62 -1.88 1.18
N VAL D 45 28.06 -2.34 2.32
CA VAL D 45 27.91 -1.47 3.49
C VAL D 45 29.28 -1.03 4.04
N ASP D 46 30.23 -1.97 4.09
CA ASP D 46 31.61 -1.65 4.48
C ASP D 46 32.21 -0.58 3.57
N TRP D 47 31.90 -0.66 2.28
CA TRP D 47 32.32 0.35 1.32
C TRP D 47 31.70 1.73 1.59
N LEU D 48 30.40 1.76 1.91
CA LEU D 48 29.72 3.03 2.22
C LEU D 48 30.31 3.73 3.44
N VAL D 49 30.75 2.93 4.42
CA VAL D 49 31.43 3.44 5.60
C VAL D 49 32.67 4.25 5.20
N GLU D 50 33.45 3.71 4.26
CA GLU D 50 34.63 4.42 3.76
C GLU D 50 34.25 5.71 3.06
N VAL D 51 33.24 5.64 2.20
CA VAL D 51 32.70 6.81 1.51
C VAL D 51 32.29 7.88 2.54
N GLY D 52 31.55 7.46 3.55
CA GLY D 52 31.07 8.35 4.61
C GLY D 52 32.20 9.06 5.32
N GLU D 53 33.28 8.35 5.62
CA GLU D 53 34.45 8.93 6.27
C GLU D 53 35.28 9.81 5.33
N GLU D 54 35.50 9.33 4.11
CA GLU D 54 36.29 10.07 3.11
C GLU D 54 35.65 11.41 2.77
N TYR D 55 34.32 11.46 2.79
CA TYR D 55 33.60 12.71 2.52
C TYR D 55 33.07 13.41 3.78
N LYS D 56 33.50 12.91 4.94
CA LYS D 56 33.14 13.47 6.25
C LYS D 56 31.63 13.68 6.39
N LEU D 57 30.86 12.65 6.06
CA LEU D 57 29.42 12.72 6.17
C LEU D 57 28.94 12.27 7.55
N GLN D 58 27.77 12.76 7.95
CA GLN D 58 27.12 12.33 9.19
C GLN D 58 26.88 10.84 9.16
N ASN D 59 26.95 10.21 10.33
CA ASN D 59 26.69 8.78 10.45
C ASN D 59 25.23 8.46 10.16
N GLU D 60 24.36 9.42 10.48
CA GLU D 60 22.94 9.31 10.19
C GLU D 60 22.75 9.01 8.71
N THR D 61 23.56 9.66 7.88
CA THR D 61 23.50 9.51 6.42
C THR D 61 23.77 8.06 6.01
N LEU D 62 24.77 7.44 6.65
CA LEU D 62 25.15 6.06 6.39
C LEU D 62 24.01 5.10 6.75
N HIS D 63 23.37 5.36 7.90
CA HIS D 63 22.22 4.57 8.39
C HIS D 63 20.99 4.72 7.50
N LEU D 64 20.77 5.93 7.02
CA LEU D 64 19.68 6.19 6.08
C LEU D 64 19.91 5.39 4.80
N ALA D 65 21.11 5.53 4.24
CA ALA D 65 21.50 4.84 3.01
C ALA D 65 21.20 3.35 3.10
N VAL D 66 21.61 2.74 4.21
CA VAL D 66 21.42 1.31 4.43
C VAL D 66 19.92 0.94 4.50
N ASN D 67 19.13 1.74 5.20
CA ASN D 67 17.69 1.53 5.25
C ASN D 67 17.08 1.58 3.84
N TYR D 68 17.51 2.56 3.05
CA TYR D 68 17.02 2.67 1.67
C TYR D 68 17.38 1.42 0.89
N ILE D 69 18.65 1.00 0.99
CA ILE D 69 19.14 -0.16 0.24
C ILE D 69 18.33 -1.41 0.55
N ASP D 70 18.17 -1.71 1.84
CA ASP D 70 17.45 -2.91 2.25
C ASP D 70 15.98 -2.89 1.83
N ARG D 71 15.36 -1.72 1.84
CA ARG D 71 13.96 -1.61 1.44
C ARG D 71 13.79 -1.83 -0.06
N PHE D 72 14.72 -1.28 -0.84
CA PHE D 72 14.72 -1.38 -2.28
C PHE D 72 14.95 -2.83 -2.71
N LEU D 73 15.95 -3.46 -2.09
CA LEU D 73 16.31 -4.83 -2.38
C LEU D 73 15.26 -5.84 -1.86
N SER D 74 14.33 -5.38 -1.03
CA SER D 74 13.23 -6.21 -0.56
C SER D 74 12.17 -6.41 -1.64
N SER D 75 12.19 -5.58 -2.67
CA SER D 75 11.17 -5.68 -3.74
C SER D 75 11.74 -5.78 -5.16
N MET D 76 12.96 -5.30 -5.35
CA MET D 76 13.63 -5.35 -6.67
C MET D 76 14.75 -6.37 -6.70
N SER D 77 14.72 -7.26 -7.69
CA SER D 77 15.87 -8.14 -7.94
C SER D 77 16.97 -7.32 -8.55
N VAL D 78 18.21 -7.57 -8.14
CA VAL D 78 19.38 -6.88 -8.68
C VAL D 78 20.51 -7.88 -8.91
N LEU D 79 21.09 -7.85 -10.11
CA LEU D 79 22.29 -8.62 -10.41
C LEU D 79 23.51 -8.02 -9.70
N ARG D 80 24.56 -8.81 -9.50
CA ARG D 80 25.71 -8.38 -8.72
C ARG D 80 26.44 -7.17 -9.31
N GLY D 81 26.48 -7.07 -10.65
CA GLY D 81 27.16 -5.95 -11.33
C GLY D 81 26.48 -4.60 -11.19
N LYS D 82 25.26 -4.60 -10.67
CA LYS D 82 24.49 -3.39 -10.51
C LYS D 82 24.28 -3.04 -9.05
N LEU D 83 24.74 -3.93 -8.17
CA LEU D 83 24.58 -3.76 -6.72
C LEU D 83 25.14 -2.44 -6.22
N GLN D 84 26.37 -2.13 -6.63
CA GLN D 84 27.03 -0.88 -6.25
C GLN D 84 26.28 0.36 -6.76
N LEU D 85 25.65 0.24 -7.94
CA LEU D 85 24.83 1.33 -8.47
C LEU D 85 23.64 1.66 -7.57
N VAL D 86 23.03 0.64 -6.94
CA VAL D 86 21.94 0.88 -6.00
C VAL D 86 22.48 1.68 -4.82
N GLY D 87 23.56 1.17 -4.23
CA GLY D 87 24.15 1.74 -3.02
C GLY D 87 24.71 3.14 -3.15
N THR D 88 25.19 3.48 -4.35
CA THR D 88 25.63 4.83 -4.65
C THR D 88 24.43 5.76 -4.66
N ALA D 89 23.34 5.31 -5.28
CA ALA D 89 22.15 6.13 -5.41
C ALA D 89 21.47 6.37 -4.06
N ALA D 90 21.63 5.42 -3.14
CA ALA D 90 20.99 5.55 -1.83
C ALA D 90 21.79 6.52 -0.97
N MET D 91 23.10 6.54 -1.18
CA MET D 91 24.00 7.44 -0.48
C MET D 91 23.72 8.85 -0.98
N LEU D 92 23.58 9.01 -2.30
CA LEU D 92 23.17 10.29 -2.89
C LEU D 92 21.90 10.85 -2.28
N LEU D 93 20.86 10.01 -2.18
CA LEU D 93 19.58 10.43 -1.62
C LEU D 93 19.65 10.72 -0.14
N ALA D 94 20.36 9.86 0.58
CA ALA D 94 20.56 10.02 2.03
C ALA D 94 21.27 11.32 2.34
N SER D 95 22.22 11.70 1.47
CA SER D 95 22.97 12.96 1.60
C SER D 95 22.06 14.17 1.35
N LYS D 96 21.28 14.11 0.27
CA LYS D 96 20.38 15.19 -0.10
C LYS D 96 19.32 15.40 0.97
N PHE D 97 18.83 14.29 1.53
CA PHE D 97 17.91 14.35 2.66
C PHE D 97 18.52 15.06 3.88
N GLU D 98 19.76 14.69 4.21
CA GLU D 98 20.29 14.92 5.56
C GLU D 98 21.38 15.98 5.69
N GLU D 99 22.22 16.11 4.66
CA GLU D 99 23.43 16.92 4.74
C GLU D 99 23.21 18.40 4.43
N ILE D 100 23.84 19.27 5.23
CA ILE D 100 23.86 20.69 4.91
C ILE D 100 24.51 20.90 3.53
N TYR D 101 25.72 20.39 3.36
CA TYR D 101 26.46 20.52 2.10
C TYR D 101 26.76 19.15 1.46
N PRO D 102 25.75 18.50 0.86
CA PRO D 102 25.99 17.17 0.30
C PRO D 102 26.99 17.21 -0.85
N PRO D 103 27.74 16.10 -1.06
CA PRO D 103 28.59 15.99 -2.25
C PRO D 103 27.75 16.06 -3.52
N GLU D 104 28.28 16.74 -4.54
CA GLU D 104 27.61 16.78 -5.84
C GLU D 104 27.66 15.41 -6.50
N VAL D 105 27.00 15.26 -7.63
CA VAL D 105 26.87 13.96 -8.29
C VAL D 105 28.23 13.45 -8.81
N ALA D 106 28.99 14.33 -9.47
CA ALA D 106 30.31 13.97 -9.98
C ALA D 106 31.17 13.21 -8.95
N GLU D 107 31.05 13.60 -7.69
CA GLU D 107 31.81 12.97 -6.63
C GLU D 107 31.34 11.53 -6.36
N PHE D 108 30.03 11.31 -6.38
CA PHE D 108 29.47 9.96 -6.27
C PHE D 108 29.80 9.06 -7.47
N VAL D 109 30.10 9.64 -8.62
CA VAL D 109 30.53 8.86 -9.77
C VAL D 109 32.00 8.49 -9.60
N TYR D 110 32.75 9.37 -8.95
CA TYR D 110 34.18 9.19 -8.74
C TYR D 110 34.48 7.98 -7.85
N ILE D 111 33.73 7.84 -6.76
CA ILE D 111 34.00 6.78 -5.77
C ILE D 111 33.83 5.35 -6.31
N THR D 112 33.02 5.19 -7.34
CA THR D 112 32.80 3.88 -7.94
C THR D 112 33.86 3.53 -9.02
N ASP D 113 35.00 4.23 -8.97
CA ASP D 113 36.05 4.22 -10.03
C ASP D 113 35.50 4.11 -11.46
N ASP D 114 34.53 4.97 -11.76
CA ASP D 114 33.92 5.08 -13.08
C ASP D 114 33.42 3.74 -13.66
N THR D 115 32.86 2.90 -12.77
CA THR D 115 32.18 1.68 -13.18
C THR D 115 30.84 2.07 -13.81
N TYR D 116 30.19 3.08 -13.26
CA TYR D 116 28.93 3.57 -13.78
C TYR D 116 29.02 5.03 -14.27
N THR D 117 28.14 5.38 -15.19
CA THR D 117 28.09 6.71 -15.76
C THR D 117 27.18 7.60 -14.91
N LYS D 118 27.45 8.91 -14.96
CA LYS D 118 26.63 9.90 -14.26
C LYS D 118 25.14 9.78 -14.64
N LYS D 119 24.85 9.41 -15.89
CA LYS D 119 23.45 9.20 -16.32
C LYS D 119 22.79 8.01 -15.63
N GLN D 120 23.58 6.98 -15.34
CA GLN D 120 23.13 5.77 -14.63
C GLN D 120 22.84 6.01 -13.16
N VAL D 121 23.70 6.79 -12.50
CA VAL D 121 23.51 7.13 -11.09
C VAL D 121 22.21 7.93 -10.93
N LEU D 122 22.04 8.92 -11.80
CA LEU D 122 20.84 9.75 -11.80
C LEU D 122 19.56 8.95 -12.06
N ARG D 123 19.58 8.06 -13.05
CA ARG D 123 18.40 7.22 -13.35
C ARG D 123 18.08 6.24 -12.22
N MET D 124 19.12 5.74 -11.55
CA MET D 124 18.94 4.90 -10.36
C MET D 124 18.35 5.71 -9.23
N GLU D 125 18.77 6.96 -9.10
CA GLU D 125 18.20 7.84 -8.10
C GLU D 125 16.67 7.89 -8.24
N HIS D 126 16.23 8.14 -9.46
CA HIS D 126 14.82 8.22 -9.81
C HIS D 126 14.11 6.90 -9.47
N LEU D 127 14.71 5.78 -9.86
CA LEU D 127 14.16 4.46 -9.59
C LEU D 127 14.06 4.17 -8.08
N VAL D 128 15.11 4.51 -7.33
CA VAL D 128 15.09 4.31 -5.90
C VAL D 128 13.88 5.07 -5.31
N LEU D 129 13.72 6.32 -5.70
CA LEU D 129 12.58 7.15 -5.25
C LEU D 129 11.21 6.54 -5.59
N LYS D 130 11.10 5.96 -6.77
CA LYS D 130 9.86 5.34 -7.23
C LYS D 130 9.54 4.11 -6.41
N VAL D 131 10.55 3.26 -6.20
CA VAL D 131 10.35 2.05 -5.41
C VAL D 131 9.98 2.37 -3.94
N LEU D 132 10.65 3.38 -3.37
CA LEU D 132 10.41 3.76 -1.97
C LEU D 132 9.28 4.78 -1.85
N ALA D 133 8.70 5.14 -3.00
CA ALA D 133 7.59 6.10 -3.11
C ALA D 133 7.88 7.38 -2.32
N PHE D 134 9.11 7.88 -2.45
CA PHE D 134 9.58 9.09 -1.77
C PHE D 134 9.50 9.06 -0.23
N ASP D 135 9.45 7.88 0.37
CA ASP D 135 9.34 7.80 1.82
C ASP D 135 10.73 7.61 2.43
N LEU D 136 11.46 8.72 2.51
CA LEU D 136 12.87 8.71 2.89
C LEU D 136 13.13 9.05 4.36
N ALA D 137 12.08 9.45 5.08
CA ALA D 137 12.23 9.93 6.46
C ALA D 137 12.14 8.77 7.47
N ALA D 138 13.16 7.92 7.44
CA ALA D 138 13.21 6.67 8.18
C ALA D 138 13.95 6.78 9.53
N PRO D 139 13.36 6.21 10.60
CA PRO D 139 14.06 6.05 11.86
C PRO D 139 15.32 5.20 11.73
N THR D 140 16.37 5.58 12.45
CA THR D 140 17.64 4.87 12.42
C THR D 140 18.06 4.58 13.86
N ILE D 141 18.89 3.55 14.05
CA ILE D 141 19.44 3.26 15.38
C ILE D 141 20.05 4.54 15.96
N ASN D 142 20.54 5.39 15.05
CA ASN D 142 21.19 6.66 15.35
C ASN D 142 20.26 7.66 16.05
N GLN D 143 19.02 7.75 15.57
CA GLN D 143 18.02 8.66 16.12
C GLN D 143 17.60 8.23 17.51
N PHE D 144 17.61 6.92 17.77
CA PHE D 144 17.31 6.40 19.10
C PHE D 144 18.50 6.60 20.05
N LEU D 145 19.68 6.13 19.66
CA LEU D 145 20.90 6.31 20.44
C LEU D 145 21.06 7.72 21.00
N THR D 146 20.92 8.71 20.14
CA THR D 146 21.14 10.10 20.53
C THR D 146 20.08 10.54 21.56
N GLN D 147 18.92 9.92 21.51
CA GLN D 147 17.89 10.15 22.52
C GLN D 147 18.17 9.38 23.81
N TYR D 148 18.83 8.24 23.68
CA TYR D 148 19.23 7.42 24.83
C TYR D 148 20.42 8.05 25.56
N PHE D 149 21.22 8.84 24.84
CA PHE D 149 22.42 9.47 25.41
C PHE D 149 22.12 10.53 26.46
N LEU D 150 20.95 11.16 26.35
CA LEU D 150 20.52 12.19 27.29
C LEU D 150 20.25 11.65 28.70
N HIS D 151 20.13 10.33 28.82
CA HIS D 151 19.84 9.69 30.12
C HIS D 151 21.10 9.37 30.95
N GLN D 152 22.25 9.80 30.47
CA GLN D 152 23.52 9.58 31.15
C GLN D 152 23.72 10.46 32.38
N GLN D 153 24.22 9.84 33.45
CA GLN D 153 24.59 10.54 34.66
C GLN D 153 26.03 10.14 35.05
N PRO D 154 27.04 10.92 34.59
CA PRO D 154 26.91 12.04 33.66
C PRO D 154 27.20 11.58 32.24
N ALA D 155 27.22 12.54 31.31
CA ALA D 155 27.57 12.24 29.93
C ALA D 155 28.99 11.69 29.83
N ASN D 156 29.15 10.63 29.04
CA ASN D 156 30.45 10.08 28.69
C ASN D 156 30.53 9.75 27.21
N CYS D 157 31.58 10.25 26.56
CA CYS D 157 31.73 10.08 25.12
C CYS D 157 32.65 8.92 24.73
N LYS D 158 33.15 8.19 25.72
CA LYS D 158 33.69 6.87 25.47
C LYS D 158 32.53 5.93 25.14
N VAL D 159 31.45 6.03 25.92
CA VAL D 159 30.27 5.21 25.73
C VAL D 159 29.59 5.59 24.43
N GLU D 160 29.24 6.89 24.32
CA GLU D 160 28.58 7.44 23.13
C GLU D 160 29.22 6.97 21.84
N SER D 161 30.55 7.00 21.80
CA SER D 161 31.30 6.58 20.63
C SER D 161 31.32 5.05 20.45
N LEU D 162 31.38 4.31 21.55
CA LEU D 162 31.37 2.84 21.48
C LEU D 162 30.02 2.27 21.04
N ALA D 163 28.93 2.85 21.56
CA ALA D 163 27.58 2.49 21.15
C ALA D 163 27.40 2.72 19.65
N MET D 164 27.91 3.85 19.19
CA MET D 164 27.93 4.22 17.79
C MET D 164 28.60 3.12 16.96
N PHE D 165 29.80 2.74 17.37
CA PHE D 165 30.62 1.70 16.72
C PHE D 165 29.93 0.34 16.66
N LEU D 166 29.30 -0.05 17.77
CA LEU D 166 28.64 -1.34 17.86
C LEU D 166 27.45 -1.43 16.92
N GLY D 167 26.60 -0.39 16.95
CA GLY D 167 25.40 -0.34 16.11
C GLY D 167 25.69 -0.23 14.63
N GLU D 168 26.74 0.53 14.30
CA GLU D 168 27.27 0.59 12.95
C GLU D 168 27.64 -0.82 12.50
N LEU D 169 28.32 -1.57 13.37
CA LEU D 169 28.70 -2.95 13.06
C LEU D 169 27.51 -3.86 12.71
N SER D 170 26.33 -3.54 13.25
CA SER D 170 25.13 -4.32 12.95
C SER D 170 24.58 -4.08 11.53
N LEU D 171 25.02 -3.01 10.88
CA LEU D 171 24.55 -2.68 9.55
C LEU D 171 25.20 -3.57 8.49
N ILE D 172 26.38 -4.10 8.81
CA ILE D 172 27.10 -5.01 7.91
C ILE D 172 26.38 -6.36 7.75
N ASP D 173 25.98 -6.96 8.86
CA ASP D 173 25.51 -8.34 8.90
C ASP D 173 23.97 -8.50 8.87
N ALA D 174 23.42 -8.71 7.67
CA ALA D 174 21.98 -8.88 7.49
C ALA D 174 21.46 -9.95 8.44
N ASP D 175 22.23 -11.02 8.51
CA ASP D 175 22.04 -12.08 9.47
C ASP D 175 23.00 -11.76 10.62
N PRO D 176 22.46 -11.53 11.83
CA PRO D 176 21.03 -11.63 12.14
C PRO D 176 20.24 -10.32 12.14
N TYR D 177 20.91 -9.18 11.96
CA TYR D 177 20.34 -7.87 12.35
C TYR D 177 19.12 -7.31 11.61
N LEU D 178 18.79 -7.91 10.46
CA LEU D 178 17.55 -7.56 9.77
C LEU D 178 16.32 -7.79 10.65
N LYS D 179 16.39 -8.79 11.51
CA LYS D 179 15.24 -9.18 12.33
C LYS D 179 15.10 -8.38 13.62
N TYR D 180 15.96 -7.38 13.80
CA TYR D 180 15.92 -6.53 14.98
C TYR D 180 15.61 -5.09 14.57
N LEU D 181 14.71 -4.45 15.32
CA LEU D 181 14.34 -3.05 15.11
C LEU D 181 15.45 -2.12 15.59
N PRO D 182 15.68 -1.01 14.85
CA PRO D 182 16.72 -0.02 15.22
C PRO D 182 16.69 0.49 16.66
N SER D 183 15.50 0.59 17.26
CA SER D 183 15.36 1.01 18.66
C SER D 183 15.92 -0.03 19.61
N VAL D 184 15.71 -1.31 19.27
CA VAL D 184 16.21 -2.45 20.03
C VAL D 184 17.73 -2.59 19.85
N ILE D 185 18.20 -2.40 18.62
CA ILE D 185 19.63 -2.45 18.34
C ILE D 185 20.36 -1.33 19.08
N ALA D 186 19.75 -0.15 19.05
CA ALA D 186 20.26 0.99 19.82
C ALA D 186 20.32 0.69 21.32
N ALA D 187 19.24 0.13 21.85
CA ALA D 187 19.17 -0.24 23.26
C ALA D 187 20.26 -1.24 23.64
N ALA D 188 20.34 -2.34 22.89
CA ALA D 188 21.37 -3.34 23.14
C ALA D 188 22.76 -2.71 23.07
N ALA D 189 23.01 -1.97 21.98
CA ALA D 189 24.32 -1.33 21.77
C ALA D 189 24.71 -0.32 22.83
N PHE D 190 23.71 0.29 23.48
CA PHE D 190 23.97 1.25 24.55
C PHE D 190 24.45 0.56 25.84
N HIS D 191 23.71 -0.47 26.25
CA HIS D 191 24.06 -1.25 27.44
C HIS D 191 25.46 -1.85 27.33
N LEU D 192 25.76 -2.46 26.18
CA LEU D 192 27.04 -3.09 25.94
C LEU D 192 28.20 -2.10 26.03
N ALA D 193 27.96 -0.88 25.52
CA ALA D 193 28.97 0.19 25.54
C ALA D 193 29.15 0.79 26.94
N LEU D 194 28.04 0.94 27.65
CA LEU D 194 28.05 1.46 29.02
C LEU D 194 28.82 0.50 29.93
N TYR D 195 28.41 -0.77 29.89
CA TYR D 195 29.03 -1.85 30.68
C TYR D 195 30.54 -1.89 30.52
N THR D 196 31.01 -1.73 29.29
CA THR D 196 32.41 -1.90 28.95
C THR D 196 33.31 -0.77 29.48
N VAL D 197 32.83 0.47 29.39
CA VAL D 197 33.63 1.62 29.83
C VAL D 197 33.57 1.83 31.34
N THR D 198 32.35 1.89 31.90
CA THR D 198 32.13 2.30 33.28
C THR D 198 31.90 1.12 34.23
N GLY D 199 31.01 0.21 33.83
CA GLY D 199 30.51 -0.85 34.69
C GLY D 199 29.02 -0.69 34.94
N GLN D 200 28.48 0.44 34.51
CA GLN D 200 27.06 0.78 34.69
C GLN D 200 26.13 -0.09 33.83
N SER D 201 24.87 -0.14 34.23
CA SER D 201 23.86 -0.96 33.56
C SER D 201 22.81 -0.11 32.85
N TRP D 202 22.05 -0.75 31.96
CA TRP D 202 20.92 -0.14 31.24
C TRP D 202 19.98 0.61 32.21
N PRO D 203 19.97 1.95 32.12
CA PRO D 203 19.31 2.84 33.08
C PRO D 203 17.82 2.59 33.21
N GLU D 204 17.29 2.82 34.42
CA GLU D 204 15.87 2.62 34.73
C GLU D 204 14.99 3.63 34.01
N SER D 205 15.50 4.85 33.85
CA SER D 205 14.77 5.91 33.15
C SER D 205 14.47 5.52 31.71
N LEU D 206 15.38 4.76 31.11
CA LEU D 206 15.19 4.22 29.76
C LEU D 206 14.31 2.96 29.73
N VAL D 207 14.04 2.38 30.90
CA VAL D 207 13.18 1.20 30.95
C VAL D 207 11.71 1.59 30.72
N GLN D 208 11.19 2.50 31.53
CA GLN D 208 9.79 2.89 31.39
C GLN D 208 9.56 3.91 30.26
N LYS D 209 10.64 4.37 29.64
CA LYS D 209 10.56 5.19 28.42
C LYS D 209 10.31 4.31 27.20
N THR D 210 11.08 3.23 27.11
CA THR D 210 11.07 2.30 25.97
C THR D 210 10.08 1.16 26.15
N GLY D 211 9.98 0.65 27.37
CA GLY D 211 9.24 -0.58 27.65
C GLY D 211 10.19 -1.76 27.65
N TYR D 212 11.45 -1.50 27.32
CA TYR D 212 12.48 -2.55 27.20
C TYR D 212 13.25 -2.81 28.49
N THR D 213 13.45 -4.10 28.80
CA THR D 213 14.30 -4.53 29.90
C THR D 213 15.36 -5.49 29.37
N LEU D 214 16.41 -5.73 30.16
CA LEU D 214 17.48 -6.66 29.76
C LEU D 214 16.95 -7.99 29.26
N GLU D 215 15.83 -8.42 29.83
CA GLU D 215 15.16 -9.66 29.42
C GLU D 215 14.62 -9.56 27.99
N THR D 216 13.93 -8.46 27.68
CA THR D 216 13.43 -8.22 26.32
C THR D 216 14.57 -7.94 25.34
N LEU D 217 15.74 -7.56 25.88
CA LEU D 217 16.89 -7.18 25.06
C LEU D 217 17.97 -8.27 24.99
N LYS D 218 17.70 -9.42 25.60
CA LYS D 218 18.70 -10.49 25.70
C LYS D 218 19.15 -11.06 24.35
N PRO D 219 18.22 -11.58 23.52
CA PRO D 219 18.67 -12.29 22.33
C PRO D 219 19.50 -11.40 21.41
N CYS D 220 19.07 -10.15 21.26
CA CYS D 220 19.79 -9.14 20.49
C CYS D 220 21.15 -8.80 21.08
N LEU D 221 21.19 -8.74 22.41
CA LEU D 221 22.41 -8.41 23.14
C LEU D 221 23.44 -9.53 23.01
N LEU D 222 22.95 -10.78 22.95
CA LEU D 222 23.79 -11.96 22.77
C LEU D 222 24.37 -12.06 21.35
N ASP D 223 23.56 -11.71 20.36
CA ASP D 223 24.01 -11.65 18.98
C ASP D 223 25.11 -10.60 18.82
N LEU D 224 24.86 -9.42 19.40
CA LEU D 224 25.77 -8.27 19.31
C LEU D 224 27.12 -8.52 19.98
N HIS D 225 27.08 -9.15 21.15
CA HIS D 225 28.28 -9.47 21.93
C HIS D 225 29.22 -10.37 21.14
N GLN D 226 28.66 -11.36 20.44
CA GLN D 226 29.42 -12.18 19.51
C GLN D 226 30.11 -11.31 18.46
N THR D 227 29.33 -10.52 17.72
CA THR D 227 29.86 -9.62 16.69
C THR D 227 31.01 -8.77 17.22
N TYR D 228 30.87 -8.28 18.45
CA TYR D 228 31.93 -7.54 19.12
C TYR D 228 33.15 -8.42 19.41
N LEU D 229 32.92 -9.63 19.95
CA LEU D 229 34.00 -10.55 20.29
C LEU D 229 34.79 -11.00 19.07
N ARG D 230 34.10 -11.23 17.97
CA ARG D 230 34.71 -11.75 16.74
C ARG D 230 34.94 -10.68 15.67
N ALA D 231 34.85 -9.42 16.09
CA ALA D 231 35.05 -8.27 15.21
C ALA D 231 36.44 -8.18 14.54
N PRO D 232 37.52 -8.55 15.26
CA PRO D 232 38.85 -8.52 14.62
C PRO D 232 39.08 -9.56 13.51
N GLN D 233 38.29 -10.63 13.51
CA GLN D 233 38.44 -11.71 12.52
C GLN D 233 37.50 -11.56 11.33
N HIS D 234 36.61 -10.57 11.41
CA HIS D 234 35.60 -10.32 10.38
C HIS D 234 36.20 -9.91 9.05
N ALA D 235 35.63 -10.45 7.97
CA ALA D 235 36.06 -10.15 6.60
C ALA D 235 36.00 -8.65 6.26
N GLN D 236 35.02 -7.97 6.83
CA GLN D 236 34.85 -6.53 6.68
C GLN D 236 35.44 -5.82 7.89
N GLN D 237 36.16 -4.73 7.64
CA GLN D 237 37.07 -4.15 8.63
C GLN D 237 37.12 -2.62 8.66
N SER D 238 36.31 -1.97 7.82
CA SER D 238 36.37 -0.51 7.71
C SER D 238 35.87 0.24 8.93
N ILE D 239 34.81 -0.27 9.58
CA ILE D 239 34.23 0.36 10.77
C ILE D 239 35.24 0.45 11.92
N ARG D 240 35.96 -0.63 12.16
CA ARG D 240 37.03 -0.64 13.16
C ARG D 240 38.10 0.40 12.83
N GLU D 241 38.50 0.45 11.57
CA GLU D 241 39.49 1.45 11.09
C GLU D 241 39.03 2.86 11.41
N LYS D 242 37.75 3.14 11.14
CA LYS D 242 37.13 4.43 11.43
C LYS D 242 37.19 4.78 12.91
N TYR D 243 36.92 3.79 13.76
CA TYR D 243 36.78 4.01 15.20
C TYR D 243 38.07 3.80 16.02
N LYS D 244 39.21 3.79 15.33
CA LYS D 244 40.52 3.86 15.98
C LYS D 244 40.93 5.33 16.06
N ASN D 245 40.28 6.15 15.24
CA ASN D 245 40.57 7.58 15.16
C ASN D 245 40.28 8.31 16.46
N SER D 246 41.01 9.41 16.69
CA SER D 246 40.82 10.26 17.86
C SER D 246 39.41 10.85 17.94
N LYS D 247 38.86 11.23 16.79
CA LYS D 247 37.48 11.70 16.66
C LYS D 247 36.51 10.84 17.46
N TYR D 248 36.73 9.52 17.41
CA TYR D 248 35.88 8.56 18.10
C TYR D 248 36.58 7.96 19.32
N HIS D 249 37.59 8.67 19.83
CA HIS D 249 38.28 8.33 21.08
C HIS D 249 38.92 6.93 21.10
N GLY D 250 39.04 6.33 19.92
CA GLY D 250 39.67 5.02 19.75
C GLY D 250 38.98 3.86 20.44
N VAL D 251 37.64 3.89 20.47
CA VAL D 251 36.85 2.89 21.22
C VAL D 251 36.88 1.47 20.62
N SER D 252 37.27 1.35 19.37
CA SER D 252 37.41 0.05 18.74
C SER D 252 38.69 -0.67 19.18
N LEU D 253 39.61 0.09 19.78
CA LEU D 253 40.88 -0.44 20.31
C LEU D 253 40.71 -1.06 21.70
N LEU D 254 39.58 -0.77 22.34
CA LEU D 254 39.24 -1.33 23.64
C LEU D 254 39.00 -2.84 23.57
N ASN D 255 39.01 -3.48 24.74
CA ASN D 255 38.75 -4.91 24.83
C ASN D 255 37.30 -5.22 25.17
N PRO D 256 36.70 -6.16 24.41
CA PRO D 256 35.37 -6.67 24.71
C PRO D 256 35.31 -7.32 26.09
N PRO D 257 34.21 -7.10 26.84
CA PRO D 257 34.12 -7.64 28.20
C PRO D 257 33.80 -9.14 28.21
N GLU D 258 34.83 -9.94 28.50
CA GLU D 258 34.71 -11.41 28.66
C GLU D 258 33.28 -11.95 28.64
N THR D 259 32.52 -11.57 29.68
CA THR D 259 31.14 -11.98 29.86
C THR D 259 30.26 -10.77 30.15
N LEU D 260 28.96 -10.94 29.94
CA LEU D 260 27.99 -9.87 30.23
C LEU D 260 27.25 -10.14 31.55
N ASN D 261 27.05 -11.43 31.86
CA ASN D 261 26.44 -11.91 33.11
C ASN D 261 25.00 -11.46 33.35
N LEU D 262 24.09 -12.44 33.39
CA LEU D 262 22.66 -12.17 33.49
C LEU D 262 21.98 -13.06 34.55
O2 NU5 E . 11.02 -21.09 -25.08
S1 NU5 E . 9.62 -20.90 -24.85
O3 NU5 E . 9.08 -22.18 -24.43
C22 NU5 E . 8.90 -20.31 -26.23
C23 NU5 E . 8.11 -21.41 -26.92
N6 NU5 E . 6.72 -21.45 -26.48
C24 NU5 E . 5.67 -21.70 -27.45
C25 NU5 E . 4.71 -22.81 -27.00
C26 NU5 E . 5.34 -24.21 -27.09
O4 NU5 E . 6.44 -24.32 -26.19
C19 NU5 E . 9.39 -19.88 -23.63
C18 NU5 E . 10.45 -19.55 -22.81
C17 NU5 E . 10.27 -18.68 -21.73
C16 NU5 E . 9.03 -18.13 -21.46
C21 NU5 E . 7.95 -18.45 -22.28
C20 NU5 E . 8.13 -19.32 -23.36
N2 NU5 E . 8.96 -17.28 -20.39
C2 NU5 E . 7.87 -16.63 -19.93
N1 NU5 E . 6.68 -16.76 -20.56
C6 NU5 E . 5.57 -16.12 -20.16
C5 NU5 E . 5.65 -15.26 -18.97
N7 NU5 E . 4.80 -14.49 -18.28
C8 NU5 E . 5.52 -13.94 -17.27
N9 NU5 E . 6.82 -14.34 -17.29
C4 NU5 E . 6.97 -15.16 -18.33
N3 NU5 E . 8.01 -15.85 -18.84
O6 NU5 E . 4.39 -16.28 -20.82
C9 NU5 E . 4.34 -16.30 -22.23
C10 NU5 E . 3.55 -17.55 -22.62
C15 NU5 E . 2.36 -17.78 -21.65
C14 NU5 E . 0.98 -18.08 -22.22
C13 NU5 E . 1.02 -18.58 -23.67
C12 NU5 E . 1.80 -17.57 -24.51
C11 NU5 E . 3.28 -17.56 -24.14
O2 NU5 F . -4.57 35.34 -4.74
S1 NU5 F . -3.26 34.78 -4.58
O3 NU5 F . -2.72 35.33 -3.36
C22 NU5 F . -2.27 35.12 -5.88
C23 NU5 F . -1.29 36.25 -5.56
N6 NU5 F . -0.26 35.83 -4.62
C24 NU5 F . 0.97 36.60 -4.53
C25 NU5 F . 1.18 37.23 -3.15
C26 NU5 F . 0.26 38.41 -2.92
O4 NU5 F . -0.34 38.29 -1.62
C19 NU5 F . -3.34 33.19 -4.35
C18 NU5 F . -4.56 32.53 -4.37
C17 NU5 F . -4.62 31.16 -4.14
C16 NU5 F . -3.47 30.42 -3.88
C21 NU5 F . -2.25 31.09 -3.85
C20 NU5 F . -2.19 32.46 -4.09
N2 NU5 F . -3.59 29.07 -3.65
C2 NU5 F . -2.59 28.21 -3.39
N1 NU5 F . -1.30 28.63 -3.34
C6 NU5 F . -0.27 27.79 -3.08
C5 NU5 F . -0.57 26.37 -2.85
N7 NU5 F . 0.18 25.29 -2.57
C8 NU5 F . -0.69 24.26 -2.48
N9 NU5 F . -1.97 24.66 -2.68
C4 NU5 F . -1.97 25.97 -2.91
N3 NU5 F . -2.92 26.91 -3.19
O6 NU5 F . 1.03 28.19 -3.01
C9 NU5 F . 1.63 28.95 -4.05
C10 NU5 F . 2.32 30.11 -3.32
C15 NU5 F . 3.13 29.58 -2.11
C14 NU5 F . 4.59 30.00 -2.00
C13 NU5 F . 4.89 31.30 -2.72
C12 NU5 F . 4.50 31.14 -4.18
C11 NU5 F . 2.99 31.08 -4.31
#